data_8S2D
#
_entry.id   8S2D
#
loop_
_entity.id
_entity.type
_entity.pdbx_description
1 polymer 'entolysin A'
2 non-polymer '(3~{R})-3-oxidanyldecanoic acid'
#
_entity_poly.entity_id   1
_entity_poly.type   'polypeptide(D)'
_entity_poly.pdbx_seq_one_letter_code
;L(DGL)(DGN)(DVA)(DLE)(DGN)(DVA)(DLE)(DGN)(DSN)VLSI
;
_entity_poly.pdbx_strand_id   A
#
loop_
_chem_comp.id
_chem_comp.type
_chem_comp.name
_chem_comp.formula
IG8 non-polymer '(3~{R})-3-oxidanyldecanoic acid' 'C10 H20 O3'
#
# COMPACT_ATOMS: atom_id res chain seq x y z
N LEU A 1 7.79 -2.35 7.54
CA LEU A 1 6.55 -3.12 7.57
C LEU A 1 6.03 -3.28 6.13
N DGL A 2 6.95 -3.65 5.13
CA DGL A 2 6.64 -4.02 3.77
C DGL A 2 6.25 -2.67 3.04
O DGL A 2 5.50 -2.75 2.09
CB DGL A 2 7.77 -4.85 3.03
CG DGL A 2 8.99 -4.04 2.73
CD DGL A 2 9.67 -3.64 4.01
OE1 DGL A 2 10.22 -4.51 4.68
OE2 DGL A 2 9.62 -2.49 4.39
H DGL A 2 7.94 -3.59 5.36
HA DGL A 2 5.84 -4.76 3.74
HB2 DGL A 2 7.31 -5.17 2.09
HB3 DGL A 2 8.13 -5.64 3.68
HG2 DGL A 2 8.68 -3.18 2.13
HG3 DGL A 2 9.74 -4.52 2.09
N DGN A 3 6.68 -1.45 3.50
CA DGN A 3 6.22 -0.17 2.99
C DGN A 3 4.76 0.14 3.26
O DGN A 3 3.95 0.46 2.39
CB DGN A 3 7.10 1.03 3.58
CG DGN A 3 8.59 0.86 3.43
CD DGN A 3 9.01 0.34 2.04
OE1 DGN A 3 8.78 0.79 0.97
NE2 DGN A 3 9.89 -0.68 1.90
H DGN A 3 7.45 -1.36 4.16
HA DGN A 3 6.44 -0.19 1.93
HB2 DGN A 3 6.85 1.22 4.63
HB3 DGN A 3 6.82 1.91 2.99
HG2 DGN A 3 8.97 0.09 4.10
HG3 DGN A 3 9.18 1.77 3.59
HE21 DGN A 3 10.25 -1.19 2.70
HE22 DGN A 3 9.95 -1.06 0.96
N DVA A 4 4.33 -0.15 4.53
CA DVA A 4 2.85 -0.08 4.84
CB DVA A 4 2.52 -0.19 6.35
CG1 DVA A 4 2.90 1.19 6.91
CG2 DVA A 4 1.12 -0.63 6.78
C DVA A 4 2.07 -1.11 4.06
O DVA A 4 0.98 -0.81 3.53
H DVA A 4 5.02 -0.51 5.18
HA DVA A 4 2.47 0.90 4.58
HB DVA A 4 3.17 -0.92 6.83
HG11 DVA A 4 3.98 1.37 6.97
HG12 DVA A 4 2.60 1.26 7.95
HG13 DVA A 4 2.40 2.06 6.45
HG21 DVA A 4 0.42 0.06 6.30
HG22 DVA A 4 0.94 -0.48 7.84
HG23 DVA A 4 0.90 -1.67 6.51
N DLE A 5 2.70 -2.33 3.79
CA DLE A 5 1.99 -3.34 3.06
CB DLE A 5 2.76 -4.72 3.25
CG DLE A 5 2.14 -5.79 2.40
CD1 DLE A 5 3.07 -6.16 1.23
CD2 DLE A 5 2.10 -7.08 3.16
C DLE A 5 1.80 -2.92 1.56
O DLE A 5 0.80 -3.33 1.03
H DLE A 5 3.59 -2.54 4.22
HA DLE A 5 1.03 -3.36 3.55
HB2 DLE A 5 2.63 -5.01 4.29
HB3 DLE A 5 3.81 -4.60 3.00
HG DLE A 5 1.10 -5.59 2.13
HD11 DLE A 5 2.85 -7.11 0.73
HD12 DLE A 5 4.10 -6.33 1.59
HD13 DLE A 5 3.08 -5.31 0.54
HD21 DLE A 5 1.75 -7.90 2.52
HD22 DLE A 5 1.45 -7.11 4.04
HD23 DLE A 5 3.12 -7.28 3.48
N DGN A 6 2.72 -2.11 0.92
CA DGN A 6 2.56 -1.63 -0.47
C DGN A 6 1.37 -0.62 -0.58
O DGN A 6 0.69 -0.53 -1.61
CB DGN A 6 3.90 -0.92 -0.97
CG DGN A 6 3.97 -0.68 -2.50
CD DGN A 6 5.12 0.22 -2.95
OE1 DGN A 6 5.03 1.32 -3.43
NE2 DGN A 6 6.37 -0.34 -2.84
H DGN A 6 3.54 -1.80 1.43
HA DGN A 6 2.38 -2.52 -1.06
HB2 DGN A 6 4.79 -1.51 -0.71
HB3 DGN A 6 4.03 0.07 -0.55
HG2 DGN A 6 3.07 -0.21 -2.90
HG3 DGN A 6 3.99 -1.62 -3.07
HE21 DGN A 6 6.44 -1.30 -2.54
HE22 DGN A 6 7.15 0.31 -2.93
N DVA A 7 1.12 0.22 0.45
CA DVA A 7 0.05 1.17 0.49
CB DVA A 7 0.33 2.20 1.67
CG1 DVA A 7 1.48 3.17 1.50
CG2 DVA A 7 -0.98 3.05 1.98
C DVA A 7 -1.28 0.41 0.66
O DVA A 7 -2.26 0.71 0.02
H DVA A 7 1.72 0.07 1.26
HA DVA A 7 0.04 1.74 -0.44
HB DVA A 7 0.61 1.59 2.54
HG11 DVA A 7 1.31 3.68 0.55
HG12 DVA A 7 2.46 2.67 1.57
HG13 DVA A 7 1.49 3.88 2.33
HG21 DVA A 7 -0.88 3.93 2.64
HG22 DVA A 7 -1.70 2.47 2.56
HG23 DVA A 7 -1.39 3.55 1.10
N DLE A 8 -1.34 -0.65 1.56
CA DLE A 8 -2.52 -1.43 1.85
CB DLE A 8 -2.24 -2.39 3.02
CG DLE A 8 -2.25 -1.63 4.33
CD1 DLE A 8 -3.74 -1.42 4.86
CD2 DLE A 8 -1.56 -2.49 5.39
C DLE A 8 -2.79 -2.23 0.57
O DLE A 8 -3.98 -2.34 0.22
H DLE A 8 -0.56 -0.75 2.20
HA DLE A 8 -3.41 -0.81 1.93
HB2 DLE A 8 -1.26 -2.83 2.86
HB3 DLE A 8 -3.01 -3.17 3.01
HG DLE A 8 -1.75 -0.68 4.23
HD11 DLE A 8 -3.79 -1.06 5.89
HD12 DLE A 8 -4.34 -2.33 4.77
HD13 DLE A 8 -4.25 -0.65 4.26
HD21 DLE A 8 -1.96 -3.51 5.55
HD22 DLE A 8 -1.64 -2.08 6.41
HD23 DLE A 8 -0.48 -2.54 5.21
N DGN A 9 -1.73 -2.75 -0.23
CA DGN A 9 -1.88 -3.21 -1.58
C DGN A 9 -2.49 -2.12 -2.53
O DGN A 9 -3.42 -2.44 -3.32
CB DGN A 9 -0.48 -3.73 -2.08
CG DGN A 9 -0.56 -4.35 -3.50
CD DGN A 9 0.79 -5.09 -3.84
OE1 DGN A 9 1.68 -5.33 -2.98
NE2 DGN A 9 1.17 -5.29 -5.15
H DGN A 9 -0.82 -2.85 0.21
HA DGN A 9 -2.56 -4.07 -1.62
HB2 DGN A 9 0.00 -4.30 -1.29
HB3 DGN A 9 0.10 -2.82 -2.20
HG2 DGN A 9 -0.74 -3.68 -4.33
HG3 DGN A 9 -1.33 -5.11 -3.53
HE21 DGN A 9 0.45 -5.28 -5.87
HE22 DGN A 9 2.10 -5.67 -5.26
N DSN A 10 -1.91 -0.83 -2.42
CA DSN A 10 -2.30 0.21 -3.31
C DSN A 10 -3.79 0.57 -3.30
O DSN A 10 -4.54 0.34 -4.20
CB DSN A 10 -1.39 1.49 -3.13
OG DSN A 10 -1.87 2.54 -3.94
H DSN A 10 -1.03 -0.78 -1.90
HA DSN A 10 -2.13 -0.17 -4.32
HB2 DSN A 10 -0.37 1.29 -3.48
HB3 DSN A 10 -1.43 1.89 -2.11
N VAL A 11 -4.23 1.15 -2.11
CA VAL A 11 -5.57 1.68 -1.91
C VAL A 11 -5.75 2.83 -2.90
N LEU A 12 -7.06 3.16 -3.19
CA LEU A 12 -7.45 4.16 -4.18
C LEU A 12 -6.87 3.94 -5.60
N SER A 13 -6.73 2.63 -6.00
CA SER A 13 -5.94 2.25 -7.22
C SER A 13 -4.50 2.82 -7.30
N ILE A 14 -3.80 3.06 -6.11
CA ILE A 14 -2.40 3.64 -6.01
C ILE A 14 -1.53 2.67 -5.21
CA IG8 B . 9.31 -0.42 7.50
C IG8 B . 7.90 -1.02 7.24
O IG8 B . 7.08 -0.57 6.47
CB IG8 B . 9.29 1.14 7.42
CG2 IG8 B . 8.43 1.71 8.54
OG1 IG8 B . 10.65 1.41 7.74
CD IG8 B . 8.22 3.25 8.50
CE IG8 B . 7.03 3.86 9.34
CZ IG8 B . 6.98 3.79 10.85
CH IG8 B . 7.96 4.69 11.64
CI IG8 B . 7.59 3.59 14.00
CT IG8 B . 7.72 4.91 13.18
HA1 IG8 B . 10.01 -0.74 6.73
HA2 IG8 B . 9.69 -0.55 8.51
HB IG8 B . 9.07 1.49 6.40
HG21 IG8 B . 8.93 1.45 9.49
HG22 IG8 B . 7.41 1.36 8.44
HG1 IG8 B . 10.77 1.03 8.63
HD1 IG8 B . 8.15 3.53 7.45
HD2 IG8 B . 9.14 3.70 8.89
HE1 IG8 B . 6.14 3.29 9.04
HE2 IG8 B . 6.96 4.88 8.93
HZ1 IG8 B . 7.26 2.76 11.13
HZ2 IG8 B . 5.95 3.88 11.17
HH1 IG8 B . 8.09 5.68 11.20
HH2 IG8 B . 8.93 4.25 11.48
HI2 IG8 B . 6.84 2.92 13.57
HI3 IG8 B . 7.47 3.92 15.03
HI1 IG8 B . 8.57 3.12 13.84
HT1 IG8 B . 6.79 5.47 13.30
HT2 IG8 B . 8.49 5.56 13.60
N LEU A 1 8.33 -0.95 6.58
CA LEU A 1 7.31 -1.93 6.81
C LEU A 1 6.69 -2.33 5.49
N DGL A 2 7.49 -2.81 4.57
CA DGL A 2 6.97 -3.21 3.29
C DGL A 2 6.17 -2.07 2.65
O DGL A 2 5.32 -2.30 1.81
CB DGL A 2 8.11 -3.67 2.34
CG DGL A 2 8.89 -2.45 1.80
CD DGL A 2 8.90 -2.50 0.27
OE1 DGL A 2 9.22 -3.54 -0.28
OE2 DGL A 2 8.60 -1.48 -0.34
H DGL A 2 8.45 -2.91 4.77
HA DGL A 2 6.31 -4.05 3.46
HB2 DGL A 2 8.78 -4.32 2.86
HB3 DGL A 2 7.67 -4.20 1.50
HG2 DGL A 2 8.43 -1.53 2.12
HG3 DGL A 2 9.91 -2.49 2.16
N DGN A 3 6.43 -0.85 3.05
CA DGN A 3 5.70 0.26 2.48
C DGN A 3 4.25 0.25 2.99
O DGN A 3 3.34 0.68 2.32
CB DGN A 3 6.35 1.58 2.88
CG DGN A 3 7.78 1.62 2.32
CD DGN A 3 8.21 3.05 1.95
OE1 DGN A 3 9.05 3.63 2.60
NE2 DGN A 3 7.66 3.68 0.93
H DGN A 3 7.11 -0.70 3.74
HA DGN A 3 5.70 0.18 1.41
HB2 DGN A 3 5.78 2.40 2.48
HB3 DGN A 3 6.39 1.66 3.95
HG2 DGN A 3 8.46 1.25 3.08
HG3 DGN A 3 7.85 0.97 1.45
HE21 DGN A 3 6.96 3.24 0.39
HE22 DGN A 3 7.97 4.58 0.68
N DVA A 4 4.05 -0.27 4.19
CA DVA A 4 2.71 -0.33 4.73
CB DVA A 4 2.80 -0.51 6.25
CG1 DVA A 4 3.58 0.65 6.86
CG2 DVA A 4 1.38 -0.53 6.84
C DVA A 4 1.94 -1.50 4.11
O DVA A 4 0.73 -1.51 4.08
H DVA A 4 4.80 -0.61 4.70
HA DVA A 4 2.19 0.60 4.52
HB DVA A 4 3.29 -1.44 6.47
HG11 DVA A 4 4.04 0.32 7.78
HG12 DVA A 4 2.92 1.47 7.07
HG13 DVA A 4 4.34 0.97 6.17
HG21 DVA A 4 0.71 0.04 6.22
HG22 DVA A 4 1.40 -0.10 7.84
HG23 DVA A 4 1.03 -1.55 6.91
N DLE A 5 2.65 -2.49 3.64
CA DLE A 5 2.00 -3.65 3.05
CB DLE A 5 3.02 -4.78 2.87
CG DLE A 5 2.95 -5.72 4.07
CD1 DLE A 5 2.03 -6.89 3.76
CD2 DLE A 5 4.35 -6.25 4.38
C DLE A 5 1.41 -3.28 1.69
O DLE A 5 0.37 -3.79 1.30
H DLE A 5 3.64 -2.45 3.70
HA DLE A 5 1.21 -3.99 3.70
HB2 DLE A 5 2.80 -5.33 1.97
HB3 DLE A 5 4.01 -4.35 2.80
HG DLE A 5 2.58 -5.18 4.94
HD11 DLE A 5 1.30 -6.58 3.02
HD12 DLE A 5 1.52 -7.20 4.66
HD13 DLE A 5 2.61 -7.71 3.37
HD21 DLE A 5 4.28 -7.18 4.92
HD22 DLE A 5 4.90 -5.52 4.98
HD23 DLE A 5 4.89 -6.41 3.46
N DGN A 6 2.04 -2.40 0.96
CA DGN A 6 1.52 -2.02 -0.34
C DGN A 6 0.51 -0.89 -0.16
O DGN A 6 -0.43 -0.77 -0.91
CB DGN A 6 2.67 -1.57 -1.22
CG DGN A 6 3.65 -2.73 -1.35
CD DGN A 6 5.09 -2.21 -1.26
OE1 DGN A 6 5.30 -1.03 -1.08
NE2 DGN A 6 6.12 -3.03 -1.39
H DGN A 6 2.86 -1.99 1.28
HA DGN A 6 1.03 -2.88 -0.79
HB2 DGN A 6 2.29 -1.31 -2.21
HB3 DGN A 6 3.16 -0.73 -0.77
HG2 DGN A 6 3.46 -3.44 -0.54
HG3 DGN A 6 3.50 -3.23 -2.29
HE21 DGN A 6 5.97 -3.98 -1.53
HE22 DGN A 6 7.03 -2.68 -1.34
N DVA A 7 0.70 -0.08 0.84
CA DVA A 7 -0.25 1.00 1.07
CB DVA A 7 0.21 1.84 2.27
CG1 DVA A 7 1.44 2.66 1.88
CG2 DVA A 7 -0.91 2.77 2.72
C DVA A 7 -1.62 0.38 1.34
O DVA A 7 -2.65 0.93 1.02
H DVA A 7 1.45 -0.21 1.45
HA DVA A 7 -0.30 1.62 0.19
HB DVA A 7 0.46 1.17 3.08
HG11 DVA A 7 2.19 2.55 2.65
HG12 DVA A 7 1.16 3.71 1.80
HG13 DVA A 7 1.83 2.32 0.94
HG21 DVA A 7 -0.59 3.31 3.60
HG22 DVA A 7 -1.79 2.21 2.96
HG23 DVA A 7 -1.13 3.48 1.93
N DLE A 8 -1.63 -0.79 1.93
CA DLE A 8 -2.88 -1.46 2.22
CB DLE A 8 -2.65 -2.57 3.24
CG DLE A 8 -3.91 -2.75 4.09
CD1 DLE A 8 -3.79 -4.05 4.89
CD2 DLE A 8 -4.05 -1.57 5.06
C DLE A 8 -3.42 -2.06 0.92
O DLE A 8 -4.59 -1.91 0.60
H DLE A 8 -0.78 -1.22 2.19
HA DLE A 8 -3.59 -0.75 2.62
HB2 DLE A 8 -2.42 -3.50 2.73
HB3 DLE A 8 -1.81 -2.30 3.88
HG DLE A 8 -4.77 -2.81 3.45
HD11 DLE A 8 -3.46 -4.85 4.25
HD12 DLE A 8 -4.77 -4.30 5.31
HD13 DLE A 8 -3.09 -3.91 5.70
HD21 DLE A 8 -3.56 -0.70 4.62
HD22 DLE A 8 -3.58 -1.81 5.99
HD23 DLE A 8 -5.09 -1.36 5.21
N DGN A 9 -2.60 -2.73 0.16
CA DGN A 9 -3.06 -3.32 -1.09
C DGN A 9 -2.80 -2.34 -2.25
O DGN A 9 -2.68 -2.75 -3.38
CB DGN A 9 -2.31 -4.63 -1.34
CG DGN A 9 -3.01 -5.76 -0.59
CD DGN A 9 -2.58 -5.75 0.90
OE1 DGN A 9 -1.69 -4.99 1.24
NE2 DGN A 9 -3.13 -6.53 1.79
H DGN A 9 -1.66 -2.85 0.42
HA DGN A 9 -4.12 -3.51 -1.01
HB2 DGN A 9 -2.32 -4.84 -2.40
HB3 DGN A 9 -1.30 -4.54 -0.99
HG2 DGN A 9 -4.09 -5.62 -0.66
HG3 DGN A 9 -2.75 -6.71 -1.03
HE21 DGN A 9 -3.85 -7.15 1.55
HE22 DGN A 9 -2.84 -6.49 2.72
N DSN A 10 -2.72 -1.08 -1.97
CA DSN A 10 -2.47 -0.11 -3.03
C DSN A 10 -3.81 0.43 -3.54
O DSN A 10 -4.11 0.38 -4.72
CB DSN A 10 -1.60 1.03 -2.50
OG DSN A 10 -1.91 2.24 -3.18
H DSN A 10 -2.81 -0.77 -1.05
HA DSN A 10 -1.97 -0.60 -3.84
HB2 DSN A 10 -1.76 1.16 -1.45
HB3 DSN A 10 -0.56 0.78 -2.66
N VAL A 11 -4.64 0.96 -2.67
CA VAL A 11 -5.92 1.48 -3.10
C VAL A 11 -5.81 2.98 -3.41
N LEU A 12 -6.56 3.45 -4.37
CA LEU A 12 -6.52 4.85 -4.76
C LEU A 12 -5.25 5.08 -5.60
N SER A 13 -4.81 4.03 -6.24
CA SER A 13 -3.62 4.13 -7.07
C SER A 13 -2.40 4.47 -6.20
N ILE A 14 -2.49 4.21 -4.91
CA ILE A 14 -1.37 4.50 -4.04
C ILE A 14 -0.95 3.23 -3.30
CA IG8 B . 9.18 1.18 5.92
C IG8 B . 8.02 0.24 6.16
O IG8 B . 6.87 0.58 5.96
CB IG8 B . 8.70 2.64 6.02
CG2 IG8 B . 9.01 3.19 7.40
OG1 IG8 B . 9.36 3.42 5.04
CD IG8 B . 8.00 2.63 8.41
CE IG8 B . 8.51 2.89 9.84
CZ IG8 B . 8.36 4.37 10.19
CH IG8 B . 7.10 4.57 11.03
CI IG8 B . 6.25 3.98 13.30
CT IG8 B . 7.46 4.48 12.51
HA1 IG8 B . 9.59 1.00 4.93
HA2 IG8 B . 9.93 1.00 6.66
HB IG8 B . 7.64 2.68 5.85
HG21 IG8 B . 8.94 4.26 7.39
HG22 IG8 B . 10.01 2.90 7.69
HG1 IG8 B . 10.31 3.26 5.13
HD1 IG8 B . 7.88 1.56 8.26
HD2 IG8 B . 7.04 3.12 8.28
HE1 IG8 B . 9.56 2.61 9.90
HE2 IG8 B . 7.94 2.29 10.54
HZ1 IG8 B . 8.28 4.94 9.27
HZ2 IG8 B . 9.22 4.70 10.74
HH1 IG8 B . 6.37 3.80 10.78
HH2 IG8 B . 6.68 5.54 10.82
HI2 IG8 B . 6.03 2.96 13.03
HI3 IG8 B . 5.39 4.60 13.08
HI1 IG8 B . 6.47 4.04 14.36
HT1 IG8 B . 7.75 5.45 12.88
HT2 IG8 B . 8.28 3.79 12.64
N LEU A 1 7.86 -1.54 7.13
CA LEU A 1 6.70 -2.38 7.20
C LEU A 1 6.17 -2.63 5.80
N DGL A 2 6.99 -3.18 4.95
CA DGL A 2 6.54 -3.47 3.61
C DGL A 2 5.96 -2.21 2.96
O DGL A 2 5.15 -2.27 2.05
CB DGL A 2 7.71 -4.01 2.78
CG DGL A 2 8.83 -2.96 2.67
CD DGL A 2 9.87 -3.21 3.76
OE1 DGL A 2 10.35 -2.25 4.32
OE2 DGL A 2 10.17 -4.37 4.00
H DGL A 2 7.90 -3.41 5.21
HA DGL A 2 5.78 -4.21 3.67
HB2 DGL A 2 8.11 -4.90 3.25
HB3 DGL A 2 7.36 -4.26 1.79
HG2 DGL A 2 9.29 -3.03 1.69
HG3 DGL A 2 8.40 -1.98 2.80
N DGN A 3 6.37 -1.04 3.43
CA DGN A 3 5.85 0.19 2.86
C DGN A 3 4.34 0.25 3.12
O DGN A 3 3.58 0.78 2.35
CB DGN A 3 6.52 1.40 3.51
CG DGN A 3 7.89 1.63 2.87
CD DGN A 3 8.88 0.56 3.36
OE1 DGN A 3 8.53 -0.27 4.17
NE2 DGN A 3 10.11 0.55 2.90
H DGN A 3 7.02 -1.01 4.15
HA DGN A 3 6.04 0.20 1.80
HB2 DGN A 3 5.90 2.27 3.35
HB3 DGN A 3 6.63 1.23 4.57
HG2 DGN A 3 7.79 1.57 1.80
HG3 DGN A 3 8.24 2.60 3.15
HE21 DGN A 3 10.40 1.22 2.24
HE22 DGN A 3 10.74 -0.13 3.22
N DVA A 4 3.92 -0.32 4.23
CA DVA A 4 2.51 -0.32 4.56
CB DVA A 4 2.36 -0.54 6.07
CG1 DVA A 4 3.12 0.55 6.82
CG2 DVA A 4 0.89 -0.50 6.47
C DVA A 4 1.81 -1.45 3.80
O DVA A 4 0.62 -1.36 3.52
H DVA A 4 4.56 -0.74 4.82
HA DVA A 4 2.07 0.63 4.31
HB DVA A 4 2.78 -1.51 6.33
HG11 DVA A 4 2.47 1.41 6.97
HG12 DVA A 4 3.99 0.85 6.25
HG13 DVA A 4 3.43 0.17 7.79
HG21 DVA A 4 0.65 0.47 6.88
HG22 DVA A 4 0.68 -1.26 7.19
HG23 DVA A 4 0.28 -0.67 5.59
N DLE A 5 2.52 -2.48 3.46
CA DLE A 5 1.91 -3.59 2.74
CB DLE A 5 2.86 -4.79 2.74
CG DLE A 5 2.71 -5.56 4.05
CD1 DLE A 5 1.71 -6.70 3.85
CD2 DLE A 5 4.05 -6.13 4.47
C DLE A 5 1.63 -3.17 1.29
O DLE A 5 0.72 -3.68 0.67
H DLE A 5 3.47 -2.52 3.70
HA DLE A 5 0.99 -3.87 3.22
HB2 DLE A 5 2.64 -5.43 1.91
HB3 DLE A 5 3.89 -4.43 2.66
HG DLE A 5 2.34 -4.89 4.82
HD11 DLE A 5 0.70 -6.34 4.01
HD12 DLE A 5 1.92 -7.49 4.55
HD13 DLE A 5 1.80 -7.08 2.85
HD21 DLE A 5 3.90 -6.98 5.13
HD22 DLE A 5 4.62 -5.37 5.00
HD23 DLE A 5 4.60 -6.45 3.60
N DGN A 6 2.39 -2.25 0.77
CA DGN A 6 2.17 -1.82 -0.60
C DGN A 6 1.23 -0.62 -0.59
O DGN A 6 0.35 -0.51 -1.41
CB DGN A 6 3.51 -1.43 -1.22
CG DGN A 6 4.45 -2.62 -1.10
CD DGN A 6 5.87 -2.13 -0.77
OE1 DGN A 6 6.09 -0.95 -0.61
NE2 DGN A 6 6.86 -3.00 -0.65
H DGN A 6 3.12 -1.85 1.29
HA DGN A 6 1.74 -2.62 -1.16
HB2 DGN A 6 3.36 -1.17 -2.26
HB3 DGN A 6 3.93 -0.58 -0.68
HG2 DGN A 6 4.09 -3.27 -0.32
HG3 DGN A 6 4.46 -3.15 -2.04
HE21 DGN A 6 6.70 -3.95 -0.77
HE22 DGN A 6 7.76 -2.68 -0.44
N DVA A 7 1.40 0.26 0.36
CA DVA A 7 0.53 1.41 0.43
CB DVA A 7 1.03 2.37 1.52
CG1 DVA A 7 2.26 3.12 1.01
CG2 DVA A 7 -0.05 3.38 1.88
C DVA A 7 -0.87 0.90 0.77
O DVA A 7 -1.86 1.41 0.27
H DVA A 7 2.11 0.14 1.02
HA DVA A 7 0.52 1.91 -0.52
HB DVA A 7 1.30 1.80 2.40
HG11 DVA A 7 2.75 2.53 0.23
HG12 DVA A 7 2.96 3.28 1.82
HG13 DVA A 7 1.97 4.08 0.60
HG21 DVA A 7 -0.53 3.09 2.80
HG22 DVA A 7 -0.79 3.42 1.09
HG23 DVA A 7 0.38 4.36 2.00
N DLE A 8 -0.95 -0.11 1.59
CA DLE A 8 -2.24 -0.66 1.95
CB DLE A 8 -2.08 -1.57 3.17
CG DLE A 8 -3.46 -2.03 3.65
CD1 DLE A 8 -3.35 -3.43 4.26
CD2 DLE A 8 -3.99 -1.05 4.70
C DLE A 8 -2.79 -1.47 0.78
O DLE A 8 -3.98 -1.49 0.54
H DLE A 8 -0.13 -0.50 1.97
HA DLE A 8 -2.92 0.14 2.18
HB2 DLE A 8 -1.49 -2.43 2.91
HB3 DLE A 8 -1.59 -1.03 3.97
HG DLE A 8 -4.14 -2.05 2.81
HD11 DLE A 8 -2.69 -4.04 3.65
HD12 DLE A 8 -4.33 -3.88 4.30
HD13 DLE A 8 -2.95 -3.35 5.25
HD21 DLE A 8 -4.58 -1.59 5.43
HD22 DLE A 8 -4.59 -0.30 4.22
HD23 DLE A 8 -3.16 -0.58 5.21
N DGN A 9 -1.94 -2.14 0.04
CA DGN A 9 -2.42 -2.93 -1.09
C DGN A 9 -2.66 -2.01 -2.29
O DGN A 9 -3.42 -2.35 -3.18
CB DGN A 9 -1.38 -3.97 -1.46
CG DGN A 9 -1.63 -5.23 -0.62
CD DGN A 9 -2.64 -6.14 -1.36
OE1 DGN A 9 -3.18 -5.73 -2.37
NE2 DGN A 9 -2.92 -7.35 -0.92
H DGN A 9 -0.97 -2.13 0.24
HA DGN A 9 -3.32 -3.43 -0.81
HB2 DGN A 9 -1.46 -4.21 -2.50
HB3 DGN A 9 -0.39 -3.60 -1.24
HG2 DGN A 9 -0.70 -5.72 -0.49
HG3 DGN A 9 -2.04 -4.94 0.34
HE21 DGN A 9 -2.52 -7.70 -0.10
HE22 DGN A 9 -3.57 -7.90 -1.41
N DSN A 10 -2.02 -0.88 -2.33
CA DSN A 10 -2.20 0.02 -3.45
C DSN A 10 -3.67 0.45 -3.54
O DSN A 10 -4.27 0.43 -4.59
CB DSN A 10 -1.31 1.26 -3.25
OG DSN A 10 -1.88 2.36 -3.96
H DSN A 10 -1.41 -0.64 -1.61
HA DSN A 10 -1.92 -0.48 -4.35
HB2 DSN A 10 -1.25 1.50 -2.21
HB3 DSN A 10 -0.32 1.05 -3.64
N VAL A 11 -4.26 0.83 -2.44
CA VAL A 11 -5.66 1.24 -2.46
C VAL A 11 -5.75 2.72 -2.87
N LEU A 12 -6.79 3.07 -3.59
CA LEU A 12 -6.96 4.45 -4.04
C LEU A 12 -6.03 4.69 -5.23
N SER A 13 -5.69 3.64 -5.92
CA SER A 13 -4.82 3.77 -7.07
C SER A 13 -3.44 4.27 -6.63
N ILE A 14 -3.12 4.18 -5.36
CA ILE A 14 -1.83 4.65 -4.90
C ILE A 14 -1.14 3.52 -4.13
CA IG8 B . 9.07 0.49 6.75
C IG8 B . 7.77 -0.28 6.79
O IG8 B . 6.70 0.24 6.55
CB IG8 B . 8.80 2.00 6.88
CG2 IG8 B . 9.30 2.50 8.23
OG1 IG8 B . 9.48 2.69 5.84
CD IG8 B . 8.13 2.50 9.23
CE IG8 B . 7.33 3.80 9.08
CZ IG8 B . 5.95 3.61 9.69
CH IG8 B . 6.05 3.68 11.22
CI IG8 B . 4.90 1.54 11.77
CT IG8 B . 4.80 3.06 11.85
HA1 IG8 B . 9.57 0.30 5.81
HA2 IG8 B . 9.70 0.17 7.56
HB IG8 B . 7.74 2.18 6.80
HG21 IG8 B . 9.68 3.50 8.13
HG22 IG8 B . 10.08 1.85 8.59
HG1 IG8 B . 8.84 2.89 5.14
HD1 IG8 B . 8.52 2.45 10.23
HD2 IG8 B . 7.50 1.66 9.04
HE1 IG8 B . 7.22 4.03 8.02
HE2 IG8 B . 7.84 4.61 9.57
HZ1 IG8 B . 5.54 2.64 9.41
HZ2 IG8 B . 5.28 4.39 9.35
HH1 IG8 B . 6.14 4.72 11.52
HH2 IG8 B . 6.92 3.14 11.54
HI2 IG8 B . 5.18 1.24 10.78
HI3 IG8 B . 3.94 1.11 12.02
HI1 IG8 B . 5.64 1.19 12.48
HT1 IG8 B . 3.92 3.39 11.31
HT2 IG8 B . 4.73 3.37 12.88
N LEU A 1 8.31 -1.34 6.87
CA LEU A 1 7.16 -2.17 7.06
C LEU A 1 6.52 -2.47 5.71
N DGL A 2 7.27 -3.06 4.81
CA DGL A 2 6.73 -3.39 3.53
C DGL A 2 6.09 -2.15 2.88
O DGL A 2 5.21 -2.26 2.05
CB DGL A 2 7.85 -3.95 2.62
CG DGL A 2 8.93 -2.89 2.41
CD DGL A 2 10.06 -3.11 3.43
OE1 DGL A 2 10.59 -2.13 3.92
OE2 DGL A 2 10.37 -4.26 3.68
H DGL A 2 8.19 -3.29 5.03
HA DGL A 2 5.99 -4.15 3.66
HB2 DGL A 2 8.28 -4.82 3.09
HB3 DGL A 2 7.43 -4.21 1.66
HG2 DGL A 2 9.33 -2.98 1.41
HG3 DGL A 2 8.52 -1.90 2.56
N DGN A 3 6.52 -0.98 3.27
CA DGN A 3 5.94 0.23 2.72
C DGN A 3 4.45 0.26 3.07
O DGN A 3 3.63 0.75 2.32
CB DGN A 3 6.62 1.47 3.30
CG DGN A 3 7.94 1.72 2.56
CD DGN A 3 8.99 0.68 3.00
OE1 DGN A 3 8.72 -0.15 3.85
NE2 DGN A 3 10.18 0.68 2.46
H DGN A 3 7.23 -0.91 3.94
HA DGN A 3 6.06 0.22 1.64
HB2 DGN A 3 5.97 2.32 3.16
HB3 DGN A 3 6.80 1.33 4.34
HG2 DGN A 3 7.78 1.63 1.50
HG3 DGN A 3 8.30 2.70 2.79
HE21 DGN A 3 10.41 1.33 1.77
HE22 DGN A 3 10.84 0.02 2.75
N DVA A 4 4.10 -0.27 4.21
CA DVA A 4 2.72 -0.29 4.64
CB DVA A 4 2.67 -0.54 6.14
CG1 DVA A 4 3.42 0.59 6.87
CG2 DVA A 4 1.21 -0.56 6.61
C DVA A 4 1.98 -1.42 3.91
O DVA A 4 0.79 -1.38 3.72
H DVA A 4 4.80 -0.67 4.79
HA DVA A 4 2.25 0.65 4.41
HB DVA A 4 3.13 -1.48 6.38
HG11 DVA A 4 2.76 1.43 7.00
HG12 DVA A 4 4.27 0.88 6.27
HG13 DVA A 4 3.75 0.23 7.84
HG21 DVA A 4 0.74 0.39 6.40
HG22 DVA A 4 1.18 -0.74 7.68
HG23 DVA A 4 0.67 -1.34 6.10
N DLE A 5 2.69 -2.45 3.51
CA DLE A 5 2.07 -3.57 2.82
CB DLE A 5 3.09 -4.69 2.65
CG DLE A 5 2.93 -5.73 3.76
CD1 DLE A 5 3.07 -5.04 5.12
CD2 DLE A 5 1.53 -6.37 3.67
C DLE A 5 1.55 -3.11 1.45
O DLE A 5 0.58 -3.62 0.95
H DLE A 5 3.66 -2.47 3.68
HA DLE A 5 1.24 -3.92 3.41
HB2 DLE A 5 2.93 -5.17 1.68
HB3 DLE A 5 4.08 -4.28 2.68
HG DLE A 5 3.68 -6.49 3.66
HD11 DLE A 5 2.14 -4.60 5.41
HD12 DLE A 5 3.84 -4.28 5.06
HD13 DLE A 5 3.36 -5.78 5.86
HD21 DLE A 5 1.24 -6.43 2.63
HD22 DLE A 5 0.83 -5.77 4.21
HD23 DLE A 5 1.57 -7.37 4.09
N DGN A 6 2.21 -2.17 0.84
CA DGN A 6 1.77 -1.70 -0.46
C DGN A 6 0.72 -0.62 -0.27
O DGN A 6 -0.16 -0.45 -1.08
CB DGN A 6 2.97 -1.14 -1.22
CG DGN A 6 4.03 -2.23 -1.31
CD DGN A 6 5.41 -1.66 -0.95
OE1 DGN A 6 5.53 -0.50 -0.63
NE2 DGN A 6 6.48 -2.42 -0.99
H DGN A 6 3.00 -1.76 1.26
HA DGN A 6 1.35 -2.53 -1.02
HB2 DGN A 6 2.67 -0.84 -2.21
HB3 DGN A 6 3.36 -0.29 -0.69
HG2 DGN A 6 3.76 -3.03 -0.62
HG3 DGN A 6 4.04 -2.62 -2.32
HE21 DGN A 6 6.41 -3.36 -1.25
HE22 DGN A 6 7.35 -2.05 -0.76
N DVA A 7 0.79 0.10 0.82
CA DVA A 7 -0.19 1.13 1.07
CB DVA A 7 0.22 1.92 2.32
CG1 DVA A 7 1.47 2.74 2.03
CG2 DVA A 7 -0.91 2.85 2.75
C DVA A 7 -1.54 0.44 1.30
O DVA A 7 -2.57 0.89 0.82
H DVA A 7 1.51 -0.07 1.47
HA DVA A 7 -0.25 1.79 0.22
HB DVA A 7 0.41 1.22 3.13
HG11 DVA A 7 2.25 2.47 2.73
HG12 DVA A 7 1.25 3.80 2.16
HG13 DVA A 7 1.80 2.56 1.02
HG21 DVA A 7 -1.82 2.28 2.89
HG22 DVA A 7 -1.07 3.60 1.99
HG23 DVA A 7 -0.65 3.34 3.68
N DLE A 8 -1.53 -0.66 2.00
CA DLE A 8 -2.76 -1.38 2.25
CB DLE A 8 -2.53 -2.45 3.33
CG DLE A 8 -2.86 -1.86 4.71
CD1 DLE A 8 -2.00 -0.61 4.97
CD2 DLE A 8 -4.34 -1.46 4.76
C DLE A 8 -3.20 -2.07 0.95
O DLE A 8 -4.38 -2.20 0.69
H DLE A 8 -0.68 -0.99 2.36
HA DLE A 8 -3.52 -0.69 2.57
HB2 DLE A 8 -3.17 -3.29 3.15
HB3 DLE A 8 -1.51 -2.76 3.32
HG DLE A 8 -2.66 -2.60 5.47
HD11 DLE A 8 -0.96 -0.89 5.03
HD12 DLE A 8 -2.31 -0.14 5.89
HD13 DLE A 8 -2.13 0.09 4.15
HD21 DLE A 8 -4.68 -1.45 5.79
HD22 DLE A 8 -4.92 -2.19 4.20
HD23 DLE A 8 -4.47 -0.49 4.34
N DGN A 9 -2.28 -2.51 0.14
CA DGN A 9 -2.66 -3.16 -1.11
C DGN A 9 -2.51 -2.18 -2.27
O DGN A 9 -2.41 -2.58 -3.42
CB DGN A 9 -1.76 -4.38 -1.34
CG DGN A 9 -2.27 -5.58 -0.53
CD DGN A 9 -1.32 -5.86 0.66
OE1 DGN A 9 -0.54 -6.79 0.58
NE2 DGN A 9 -1.33 -5.12 1.75
H DGN A 9 -1.32 -2.40 0.36
HA DGN A 9 -3.69 -3.48 -1.05
HB2 DGN A 9 -1.78 -4.63 -2.40
HB3 DGN A 9 -0.75 -4.14 -1.05
HG2 DGN A 9 -3.27 -5.39 -0.18
HG3 DGN A 9 -2.28 -6.44 -1.17
HE21 DGN A 9 -1.95 -4.36 1.85
HE22 DGN A 9 -0.72 -5.33 2.48
N DSN A 10 -2.50 -0.90 -2.00
CA DSN A 10 -2.37 0.08 -3.07
C DSN A 10 -3.77 0.52 -3.53
O DSN A 10 -4.10 0.44 -4.70
CB DSN A 10 -1.57 1.28 -2.57
OG DSN A 10 -2.01 2.47 -3.24
H DSN A 10 -2.59 -0.60 -1.07
HA DSN A 10 -1.86 -0.37 -3.90
HB2 DSN A 10 -1.71 1.41 -1.52
HB3 DSN A 10 -0.52 1.13 -2.77
N VAL A 11 -4.59 0.98 -2.62
CA VAL A 11 -5.93 1.40 -3.01
C VAL A 11 -5.93 2.89 -3.37
N LEU A 12 -6.78 3.29 -4.28
CA LEU A 12 -6.85 4.68 -4.72
C LEU A 12 -5.68 4.94 -5.65
N SER A 13 -5.24 3.91 -6.33
CA SER A 13 -4.13 4.04 -7.25
C SER A 13 -2.86 4.48 -6.50
N ILE A 14 -2.81 4.22 -5.22
CA ILE A 14 -1.64 4.60 -4.44
C ILE A 14 -1.08 3.35 -3.74
CA IG8 B . 9.49 0.68 6.36
C IG8 B . 8.20 -0.08 6.53
O IG8 B . 7.11 0.44 6.35
CB IG8 B . 9.24 2.18 6.55
CG2 IG8 B . 9.16 2.50 8.04
OG1 IG8 B . 10.30 2.92 5.95
CD IG8 B . 10.50 3.04 8.54
CE IG8 B . 10.35 3.57 9.97
CZ IG8 B . 11.62 3.25 10.77
CH IG8 B . 11.61 4.04 12.09
CI IG8 B . 10.76 4.06 14.44
CT IG8 B . 10.77 3.29 13.12
HA1 IG8 B . 9.88 0.51 5.36
HA2 IG8 B . 10.20 0.33 7.08
HB IG8 B . 8.31 2.45 6.07
HG21 IG8 B . 8.92 1.60 8.59
HG22 IG8 B . 8.39 3.24 8.21
HG1 IG8 B . 10.40 2.60 5.05
HD1 IG8 B . 10.82 3.85 7.90
HD2 IG8 B . 11.24 2.26 8.52
HE1 IG8 B . 9.51 3.08 10.44
HE2 IG8 B . 10.19 4.64 9.95
HZ1 IG8 B . 12.49 3.54 10.19
HZ2 IG8 B . 11.66 2.20 10.99
HH1 IG8 B . 11.16 5.02 11.91
HH2 IG8 B . 12.62 4.15 12.45
HI2 IG8 B . 10.92 5.12 14.23
HI3 IG8 B . 11.54 3.70 15.08
HI1 IG8 B . 9.81 3.93 14.92
HT1 IG8 B . 11.21 2.31 13.29
HT2 IG8 B . 9.76 3.17 12.75
N LEU A 1 7.94 -1.17 6.85
CA LEU A 1 6.93 -2.18 6.99
C LEU A 1 6.39 -2.53 5.62
N DGL A 2 7.27 -2.89 4.71
CA DGL A 2 6.83 -3.25 3.39
C DGL A 2 6.06 -2.09 2.74
O DGL A 2 5.28 -2.27 1.84
CB DGL A 2 8.03 -3.63 2.53
CG DGL A 2 8.96 -2.42 2.35
CD DGL A 2 10.09 -2.48 3.38
OE1 DGL A 2 10.74 -3.51 3.47
OE2 DGL A 2 10.27 -1.49 4.08
H DGL A 2 8.22 -2.93 4.93
HA DGL A 2 6.18 -4.09 3.48
HB2 DGL A 2 8.58 -4.43 3.01
HB3 DGL A 2 7.69 -3.97 1.56
HG2 DGL A 2 9.39 -2.44 1.35
HG3 DGL A 2 8.39 -1.51 2.47
N DGN A 3 6.28 -0.88 3.23
CA DGN A 3 5.58 0.25 2.65
C DGN A 3 4.10 0.20 3.06
O DGN A 3 3.23 0.66 2.35
CB DGN A 3 6.21 1.56 3.17
CG DGN A 3 7.67 1.63 2.71
CD DGN A 3 8.10 3.10 2.50
OE1 DGN A 3 8.89 3.61 3.27
NE2 DGN A 3 7.63 3.80 1.49
H DGN A 3 6.91 -0.75 3.97
HA DGN A 3 5.66 0.22 1.59
HB2 DGN A 3 5.64 2.39 2.78
HB3 DGN A 3 6.16 1.57 4.25
HG2 DGN A 3 8.28 1.19 3.47
HG3 DGN A 3 7.79 1.08 1.79
HE21 DGN A 3 6.98 3.41 0.87
HE22 DGN A 3 7.94 4.72 1.36
N DVA A 4 3.82 -0.39 4.21
CA DVA A 4 2.45 -0.49 4.65
CB DVA A 4 2.44 -0.77 6.16
CG1 DVA A 4 3.16 0.37 6.89
CG2 DVA A 4 0.99 -0.85 6.65
C DVA A 4 1.75 -1.63 3.91
O DVA A 4 0.55 -1.62 3.74
H DVA A 4 4.54 -0.76 4.75
HA DVA A 4 1.93 0.44 4.46
HB DVA A 4 2.95 -1.70 6.35
HG11 DVA A 4 3.97 0.73 6.27
HG12 DVA A 4 3.55 -0.01 7.83
HG13 DVA A 4 2.46 1.17 7.09
HG21 DVA A 4 0.94 -0.49 7.68
HG22 DVA A 4 0.65 -1.87 6.62
HG23 DVA A 4 0.36 -0.23 6.02
N DLE A 5 2.50 -2.61 3.48
CA DLE A 5 1.90 -3.73 2.77
CB DLE A 5 2.90 -4.88 2.70
CG DLE A 5 3.13 -5.45 4.11
CD1 DLE A 5 1.97 -6.36 4.48
CD2 DLE A 5 4.44 -6.24 4.13
C DLE A 5 1.53 -3.30 1.35
O DLE A 5 0.59 -3.82 0.77
H DLE A 5 3.47 -2.60 3.64
HA DLE A 5 1.03 -4.05 3.29
HB2 DLE A 5 2.52 -5.67 2.06
HB3 DLE A 5 3.85 -4.52 2.30
HG DLE A 5 3.20 -4.63 4.82
HD11 DLE A 5 1.22 -5.79 5.02
HD12 DLE A 5 2.33 -7.16 5.11
HD13 DLE A 5 1.53 -6.77 3.59
HD21 DLE A 5 4.22 -7.28 3.91
HD22 DLE A 5 4.89 -6.17 5.11
HD23 DLE A 5 5.12 -5.86 3.38
N DGN A 6 2.24 -2.36 0.79
CA DGN A 6 1.93 -1.92 -0.56
C DGN A 6 0.97 -0.73 -0.48
O DGN A 6 0.07 -0.60 -1.27
CB DGN A 6 3.22 -1.50 -1.24
CG DGN A 6 4.18 -2.69 -1.20
CD DGN A 6 5.61 -2.20 -0.89
OE1 DGN A 6 5.82 -1.02 -0.69
NE2 DGN A 6 6.61 -3.06 -0.82
H DGN A 6 2.98 -1.95 1.27
HA DGN A 6 1.47 -2.72 -1.10
HB2 DGN A 6 3.01 -1.23 -2.28
HB3 DGN A 6 3.66 -0.66 -0.73
HG2 DGN A 6 3.85 -3.38 -0.43
HG3 DGN A 6 4.16 -3.19 -2.16
HE21 DGN A 6 6.45 -4.01 -0.99
HE22 DGN A 6 7.51 -2.74 -0.63
N DVA A 7 1.16 0.12 0.49
CA DVA A 7 0.27 1.25 0.63
CB DVA A 7 0.80 2.19 1.72
CG1 DVA A 7 2.02 2.96 1.19
CG2 DVA A 7 -0.29 3.19 2.12
C DVA A 7 -1.11 0.72 1.01
O DVA A 7 -2.13 1.25 0.60
H DVA A 7 1.90 -0.01 1.13
HA DVA A 7 0.21 1.78 -0.31
HB DVA A 7 1.10 1.61 2.58
HG11 DVA A 7 1.71 3.93 0.84
HG12 DVA A 7 2.46 2.40 0.36
HG13 DVA A 7 2.76 3.06 1.98
HG21 DVA A 7 -1.03 3.26 1.34
HG22 DVA A 7 0.16 4.17 2.28
HG23 DVA A 7 -0.75 2.87 3.04
N DLE A 8 -1.15 -0.34 1.78
CA DLE A 8 -2.42 -0.91 2.18
CB DLE A 8 -2.21 -1.86 3.36
CG DLE A 8 -3.57 -2.36 3.87
CD1 DLE A 8 -3.85 -3.75 3.29
CD2 DLE A 8 -3.52 -2.46 5.40
C DLE A 8 -3.01 -1.69 0.98
O DLE A 8 -4.21 -1.64 0.75
H DLE A 8 -0.31 -0.74 2.09
HA DLE A 8 -3.10 -0.12 2.46
HB2 DLE A 8 -1.61 -2.71 3.04
HB3 DLE A 8 -1.69 -1.33 4.15
HG DLE A 8 -4.34 -1.69 3.57
HD11 DLE A 8 -3.07 -4.44 3.60
HD12 DLE A 8 -3.87 -3.69 2.21
HD13 DLE A 8 -4.81 -4.10 3.64
HD21 DLE A 8 -2.52 -2.74 5.72
HD22 DLE A 8 -4.23 -3.20 5.73
HD23 DLE A 8 -3.78 -1.49 5.82
N DGN A 9 -2.19 -2.38 0.23
CA DGN A 9 -2.72 -3.12 -0.91
C DGN A 9 -2.69 -2.22 -2.16
O DGN A 9 -3.02 -2.67 -3.25
CB DGN A 9 -1.86 -4.36 -1.16
CG DGN A 9 -2.37 -5.55 -0.31
CD DGN A 9 -1.35 -5.89 0.79
OE1 DGN A 9 -0.60 -6.85 0.65
NE2 DGN A 9 -1.24 -5.17 1.90
H DGN A 9 -1.23 -2.40 0.43
HA DGN A 9 -3.74 -3.42 -0.70
HB2 DGN A 9 -1.92 -4.63 -2.21
HB3 DGN A 9 -0.84 -4.15 -0.91
HG2 DGN A 9 -3.33 -5.32 0.11
HG3 DGN A 9 -2.47 -6.40 -0.96
HE21 DGN A 9 -1.82 -4.39 2.06
HE22 DGN A 9 -0.59 -5.42 2.57
N DSN A 10 -2.32 -0.99 -2.02
CA DSN A 10 -2.29 -0.11 -3.18
C DSN A 10 -3.70 0.43 -3.47
O DSN A 10 -4.13 0.48 -4.60
CB DSN A 10 -1.34 1.07 -2.91
OG DSN A 10 -1.61 2.12 -3.83
H DSN A 10 -2.07 -0.64 -1.14
HA DSN A 10 -1.93 -0.66 -4.04
HB2 DSN A 10 -1.49 1.44 -1.90
HB3 DSN A 10 -0.32 0.74 -3.01
N VAL A 11 -4.42 0.81 -2.45
CA VAL A 11 -5.76 1.33 -2.67
C VAL A 11 -5.70 2.82 -2.99
N LEU A 12 -6.58 3.29 -3.84
CA LEU A 12 -6.60 4.69 -4.23
C LEU A 12 -5.52 4.91 -5.29
N SER A 13 -5.28 3.90 -6.09
CA SER A 13 -4.29 3.99 -7.14
C SER A 13 -2.93 4.37 -6.54
N ILE A 14 -2.72 4.10 -5.28
CA ILE A 14 -1.45 4.44 -4.65
C ILE A 14 -1.10 3.38 -3.62
CA IG8 B . 8.82 0.98 6.27
C IG8 B . 7.65 0.01 6.40
O IG8 B . 6.52 0.33 6.08
CB IG8 B . 8.31 2.42 6.32
CG2 IG8 B . 7.64 2.70 7.68
OG1 IG8 B . 9.40 3.32 6.13
CD IG8 B . 8.69 3.13 8.71
CE IG8 B . 8.67 2.14 9.89
CZ IG8 B . 7.44 2.42 10.76
CH IG8 B . 6.97 1.11 11.41
CI IG8 B . 5.76 2.05 13.38
CT IG8 B . 5.61 1.32 12.04
HA1 IG8 B . 9.33 0.80 5.35
HA2 IG8 B . 9.50 0.81 7.09
HB IG8 B . 7.58 2.57 5.53
HG21 IG8 B . 7.14 1.80 8.02
HG22 IG8 B . 6.91 3.49 7.56
HG1 IG8 B . 9.81 3.09 5.28
HD1 IG8 B . 8.46 4.12 9.07
HD2 IG8 B . 9.67 3.13 8.25
HE1 IG8 B . 9.56 2.28 10.49
HE2 IG8 B . 8.64 1.14 9.51
HZ1 IG8 B . 6.64 2.81 10.14
HZ2 IG8 B . 7.69 3.13 11.52
HH1 IG8 B . 7.69 0.81 12.17
HH2 IG8 B . 6.91 0.34 10.65
HI2 IG8 B . 5.00 1.73 14.07
HI3 IG8 B . 5.67 3.11 13.21
HI1 IG8 B . 6.74 1.84 13.79
HT1 IG8 B . 5.14 0.36 12.23
HT2 IG8 B . 4.98 1.90 11.38
N LEU A 1 7.87 -1.42 7.11
CA LEU A 1 6.76 -2.31 7.21
C LEU A 1 6.30 -2.68 5.79
N DGL A 2 7.21 -3.14 4.98
CA DGL A 2 6.84 -3.50 3.63
C DGL A 2 6.27 -2.29 2.89
O DGL A 2 5.60 -2.44 1.88
CB DGL A 2 8.06 -4.05 2.89
CG DGL A 2 9.13 -2.95 2.74
CD DGL A 2 10.15 -3.06 3.87
OE1 DGL A 2 10.75 -4.11 4.01
OE2 DGL A 2 10.32 -2.09 4.59
H DGL A 2 8.13 -3.24 5.28
HA DGL A 2 6.10 -4.27 3.70
HB2 DGL A 2 8.49 -4.87 3.46
HB3 DGL A 2 7.77 -4.40 1.93
HG2 DGL A 2 9.63 -3.07 1.80
HG3 DGL A 2 8.65 -1.98 2.77
N DGN A 3 6.52 -1.10 3.36
CA DGN A 3 6.01 0.08 2.70
C DGN A 3 4.51 0.22 3.02
O DGN A 3 3.75 0.75 2.24
CB DGN A 3 6.75 1.32 3.16
CG DGN A 3 8.25 1.18 2.82
CD DGN A 3 8.91 2.56 2.63
OE1 DGN A 3 9.71 2.97 3.45
NE2 DGN A 3 8.61 3.31 1.58
H DGN A 3 7.07 -1.00 4.18
HA DGN A 3 6.13 -0.04 1.63
HB2 DGN A 3 6.34 2.19 2.66
HB3 DGN A 3 6.63 1.44 4.23
HG2 DGN A 3 8.74 0.67 3.64
HG3 DGN A 3 8.35 0.59 1.93
HE21 DGN A 3 7.96 3.00 0.92
HE22 DGN A 3 9.07 4.17 1.46
N DVA A 4 4.11 -0.23 4.18
CA DVA A 4 2.72 -0.14 4.56
CB DVA A 4 2.60 -0.29 6.08
CG1 DVA A 4 3.44 0.80 6.76
CG2 DVA A 4 1.14 -0.13 6.51
C DVA A 4 1.91 -1.24 3.88
O DVA A 4 0.71 -1.14 3.70
H DVA A 4 4.75 -0.66 4.79
HA DVA A 4 2.33 0.83 4.27
HB DVA A 4 2.96 -1.26 6.38
HG11 DVA A 4 3.75 0.46 7.74
HG12 DVA A 4 2.86 1.70 6.87
HG13 DVA A 4 4.31 1.01 6.16
HG21 DVA A 4 0.84 -0.99 7.09
HG22 DVA A 4 0.51 -0.06 5.64
HG23 DVA A 4 1.03 0.77 7.10
N DLE A 5 2.56 -2.33 3.51
CA DLE A 5 1.86 -3.42 2.86
CB DLE A 5 2.77 -4.67 2.85
CG DLE A 5 2.27 -5.69 3.86
CD1 DLE A 5 2.26 -5.10 5.27
CD2 DLE A 5 0.84 -6.13 3.49
C DLE A 5 1.48 -3.04 1.43
O DLE A 5 0.47 -3.48 0.91
H DLE A 5 3.53 -2.39 3.68
HA DLE A 5 0.96 -3.65 3.42
HB2 DLE A 5 2.76 -5.10 1.85
HB3 DLE A 5 3.78 -4.37 3.10
HG DLE A 5 2.92 -6.55 3.84
HD11 DLE A 5 1.33 -5.32 5.75
HD12 DLE A 5 2.38 -4.02 5.20
HD13 DLE A 5 3.07 -5.51 5.85
HD21 DLE A 5 0.42 -5.44 2.77
HD22 DLE A 5 0.23 -6.16 4.37
HD23 DLE A 5 0.88 -7.12 3.05
N DGN A 6 2.28 -2.23 0.78
CA DGN A 6 1.98 -1.84 -0.57
C DGN A 6 1.04 -0.64 -0.55
O DGN A 6 0.24 -0.45 -1.43
CB DGN A 6 3.27 -1.47 -1.29
CG DGN A 6 4.21 -2.68 -1.22
CD DGN A 6 5.63 -2.22 -0.85
OE1 DGN A 6 5.86 -1.04 -0.63
NE2 DGN A 6 6.61 -3.08 -0.75
H DGN A 6 3.09 -1.89 1.21
HA DGN A 6 1.50 -2.66 -1.09
HB2 DGN A 6 3.06 -1.23 -2.32
HB3 DGN A 6 3.73 -0.63 -0.81
HG2 DGN A 6 3.84 -3.37 -0.48
HG3 DGN A 6 4.23 -3.16 -2.19
HE21 DGN A 6 6.44 -4.04 -0.93
HE22 DGN A 6 7.51 -2.78 -0.51
N DVA A 7 1.12 0.15 0.49
CA DVA A 7 0.26 1.30 0.59
CB DVA A 7 0.70 2.16 1.78
CG1 DVA A 7 2.03 2.86 1.44
CG2 DVA A 7 -0.35 3.23 2.09
C DVA A 7 -1.16 0.77 0.82
O DVA A 7 -2.12 1.26 0.24
H DVA A 7 1.78 -0.04 1.20
HA DVA A 7 0.30 1.87 -0.31
HB DVA A 7 0.84 1.53 2.64
HG11 DVA A 7 1.85 3.91 1.26
HG12 DVA A 7 2.45 2.41 0.55
HG13 DVA A 7 2.71 2.73 2.26
HG21 DVA A 7 -1.30 2.74 2.28
HG22 DVA A 7 -0.45 3.90 1.24
HG23 DVA A 7 -0.05 3.79 2.96
N DLE A 8 -1.30 -0.22 1.66
CA DLE A 8 -2.61 -0.79 1.92
CB DLE A 8 -2.54 -1.68 3.16
CG DLE A 8 -3.90 -1.68 3.85
CD1 DLE A 8 -3.92 -2.77 4.93
CD2 DLE A 8 -4.15 -0.32 4.50
C DLE A 8 -3.05 -1.62 0.71
O DLE A 8 -4.22 -1.66 0.38
H DLE A 8 -0.51 -0.59 2.10
HA DLE A 8 -3.32 0.01 2.08
HB2 DLE A 8 -2.28 -2.68 2.86
HB3 DLE A 8 -1.79 -1.30 3.84
HG DLE A 8 -4.68 -1.89 3.13
HD11 DLE A 8 -4.92 -3.15 5.05
HD12 DLE A 8 -3.59 -2.35 5.88
HD13 DLE A 8 -3.25 -3.57 4.65
HD21 DLE A 8 -4.69 0.31 3.82
HD22 DLE A 8 -3.20 0.14 4.73
HD23 DLE A 8 -4.71 -0.45 5.41
N DGN A 9 -2.13 -2.29 0.05
CA DGN A 9 -2.50 -3.10 -1.10
C DGN A 9 -2.60 -2.21 -2.34
O DGN A 9 -3.12 -2.62 -3.37
CB DGN A 9 -1.44 -4.16 -1.33
CG DGN A 9 -1.69 -5.33 -0.37
CD DGN A 9 -2.27 -6.53 -1.16
OE1 DGN A 9 -2.57 -6.40 -2.33
NE2 DGN A 9 -2.44 -7.72 -0.59
H DGN A 9 -1.19 -2.25 0.33
HA DGN A 9 -3.44 -3.57 -0.92
HB2 DGN A 9 -1.50 -4.51 -2.35
HB3 DGN A 9 -0.46 -3.75 -1.14
HG2 DGN A 9 -0.76 -5.59 0.09
HG3 DGN A 9 -2.39 -5.03 0.41
HE21 DGN A 9 -2.20 -7.87 0.36
HE22 DGN A 9 -2.80 -8.46 -1.12
N DSN A 10 -2.14 -0.99 -2.26
CA DSN A 10 -2.21 -0.11 -3.42
C DSN A 10 -3.64 0.37 -3.60
O DSN A 10 -4.16 0.44 -4.70
CB DSN A 10 -1.28 1.08 -3.21
OG DSN A 10 -1.65 2.12 -4.12
H DSN A 10 -1.73 -0.67 -1.44
HA DSN A 10 -1.90 -0.66 -4.30
HB2 DSN A 10 -1.37 1.45 -2.20
HB3 DSN A 10 -0.26 0.78 -3.39
N VAL A 11 -4.31 0.72 -2.52
CA VAL A 11 -5.68 1.19 -2.63
C VAL A 11 -5.68 2.70 -2.89
N LEU A 12 -6.67 3.17 -3.62
CA LEU A 12 -6.75 4.59 -3.95
C LEU A 12 -5.81 4.88 -5.11
N SER A 13 -5.62 3.90 -5.96
CA SER A 13 -4.74 4.06 -7.10
C SER A 13 -3.35 4.47 -6.62
N ILE A 14 -2.99 4.11 -5.42
CA ILE A 14 -1.68 4.47 -4.91
C ILE A 14 -1.23 3.42 -3.87
CA IG8 B . 8.97 0.64 6.54
C IG8 B . 7.72 -0.22 6.60
O IG8 B . 6.65 0.16 6.17
CB IG8 B . 8.59 2.11 6.47
CG2 IG8 B . 7.85 2.52 7.75
OG1 IG8 B . 9.76 2.90 6.32
CD IG8 B . 8.86 2.62 8.90
CE IG8 B . 8.90 1.30 9.67
CZ IG8 B . 10.35 0.95 10.00
CH IG8 B . 10.52 -0.57 9.96
CI IG8 B . 8.93 -1.61 11.59
CT IG8 B . 10.38 -1.15 11.37
HA1 IG8 B . 9.55 0.36 5.66
HA2 IG8 B . 9.56 0.45 7.42
HB IG8 B . 7.93 2.28 5.62
HG21 IG8 B . 7.11 1.77 7.99
HG22 IG8 B . 7.37 3.48 7.60
HG1 IG8 B . 9.50 3.82 6.30
HD1 IG8 B . 8.55 3.42 9.57
HD2 IG8 B . 9.84 2.85 8.50
HE1 IG8 B . 8.47 0.52 9.07
HE2 IG8 B . 8.33 1.41 10.59
HZ1 IG8 B . 10.59 1.30 10.99
HZ2 IG8 B . 11.00 1.41 9.28
HH1 IG8 B . 11.51 -0.81 9.58
HH2 IG8 B . 9.77 -1.00 9.32
HI2 IG8 B . 8.67 -1.48 12.62
HI3 IG8 B . 8.83 -2.65 11.32
HI1 IG8 B . 8.27 -1.01 10.97
HT1 IG8 B . 10.63 -0.39 12.09
HT2 IG8 B . 11.04 -2.00 11.48
N LEU A 1 8.00 -1.38 6.94
CA LEU A 1 7.00 -2.42 7.02
C LEU A 1 6.44 -2.66 5.62
N DGL A 2 7.30 -2.94 4.69
CA DGL A 2 6.84 -3.19 3.34
C DGL A 2 6.04 -1.99 2.83
O DGL A 2 5.22 -2.12 1.94
CB DGL A 2 8.04 -3.48 2.42
CG DGL A 2 8.95 -2.24 2.34
CD DGL A 2 10.10 -2.38 3.34
OE1 DGL A 2 9.88 -2.96 4.40
OE2 DGL A 2 11.18 -1.92 3.04
H DGL A 2 8.26 -2.99 4.88
HA DGL A 2 6.21 -4.05 3.37
HB2 DGL A 2 8.60 -4.31 2.82
HB3 DGL A 2 7.68 -3.73 1.44
HG2 DGL A 2 9.34 -2.17 1.34
HG3 DGL A 2 8.38 -1.36 2.57
N DGN A 3 6.27 -0.83 3.38
CA DGN A 3 5.53 0.34 2.94
C DGN A 3 4.07 0.21 3.35
O DGN A 3 3.18 0.71 2.69
CB DGN A 3 6.13 1.59 3.57
CG DGN A 3 7.55 1.79 3.06
CD DGN A 3 7.76 3.26 2.71
OE1 DGN A 3 6.87 4.07 2.86
NE2 DGN A 3 8.91 3.66 2.24
H DGN A 3 6.93 -0.74 4.11
HA DGN A 3 5.62 0.43 1.87
HB2 DGN A 3 5.52 2.45 3.30
HB3 DGN A 3 6.15 1.49 4.64
HG2 DGN A 3 8.24 1.49 3.82
HG3 DGN A 3 7.70 1.18 2.17
HE21 DGN A 3 9.64 3.02 2.11
HE22 DGN A 3 9.03 4.59 2.01
N DVA A 4 3.81 -0.47 4.43
CA DVA A 4 2.45 -0.65 4.88
CB DVA A 4 2.46 -1.05 6.37
CG1 DVA A 4 3.15 0.05 7.19
CG2 DVA A 4 1.01 -1.22 6.86
C DVA A 4 1.78 -1.76 4.06
O DVA A 4 0.58 -1.78 3.90
H DVA A 4 4.55 -0.87 4.94
HA DVA A 4 1.90 0.27 4.76
HB DVA A 4 3.00 -1.97 6.48
HG11 DVA A 4 3.12 -0.22 8.23
HG12 DVA A 4 2.63 0.99 7.04
HG13 DVA A 4 4.17 0.15 6.86
HG21 DVA A 4 0.52 -0.27 6.84
HG22 DVA A 4 1.03 -1.59 7.87
HG23 DVA A 4 0.50 -1.92 6.23
N DLE A 5 2.55 -2.67 3.54
CA DLE A 5 1.97 -3.74 2.75
CB DLE A 5 2.99 -4.89 2.64
CG DLE A 5 3.01 -5.69 3.94
CD1 DLE A 5 1.82 -6.64 3.98
CD2 DLE A 5 4.31 -6.50 4.01
C DLE A 5 1.61 -3.24 1.36
O DLE A 5 0.69 -3.73 0.73
H DLE A 5 3.52 -2.64 3.69
HA DLE A 5 1.08 -4.12 3.24
HB2 DLE A 5 2.70 -5.53 1.82
HB3 DLE A 5 3.96 -4.48 2.45
HG DLE A 5 2.95 -5.01 4.77
HD11 DLE A 5 1.70 -7.04 4.97
HD12 DLE A 5 1.98 -7.46 3.29
HD13 DLE A 5 0.92 -6.11 3.69
HD21 DLE A 5 5.09 -5.96 3.50
HD22 DLE A 5 4.17 -7.45 3.55
HD23 DLE A 5 4.58 -6.63 5.05
N DGN A 6 2.33 -2.27 0.86
CA DGN A 6 2.04 -1.74 -0.46
C DGN A 6 1.08 -0.57 -0.33
O DGN A 6 0.21 -0.38 -1.16
CB DGN A 6 3.34 -1.27 -1.10
CG DGN A 6 4.32 -2.45 -1.10
CD DGN A 6 5.74 -1.95 -0.75
OE1 DGN A 6 5.92 -0.77 -0.50
NE2 DGN A 6 6.74 -2.79 -0.72
H DGN A 6 3.07 -1.89 1.38
HA DGN A 6 1.60 -2.52 -1.06
HB2 DGN A 6 3.15 -0.96 -2.11
HB3 DGN A 6 3.76 -0.46 -0.53
HG2 DGN A 6 3.99 -3.18 -0.38
HG3 DGN A 6 4.32 -2.89 -2.08
HE21 DGN A 6 6.60 -3.74 -0.91
HE22 DGN A 6 7.64 -2.46 -0.49
N DVA A 7 1.20 0.20 0.71
CA DVA A 7 0.30 1.31 0.89
CB DVA A 7 0.73 2.12 2.13
CG1 DVA A 7 1.96 2.97 1.79
CG2 DVA A 7 -0.41 3.05 2.57
C DVA A 7 -1.11 0.76 1.08
O DVA A 7 -2.08 1.28 0.53
H DVA A 7 1.90 0.02 1.37
HA DVA A 7 0.34 1.95 0.02
HB DVA A 7 0.97 1.44 2.92
HG11 DVA A 7 2.49 2.51 0.97
HG12 DVA A 7 2.60 3.03 2.64
HG13 DVA A 7 1.64 3.96 1.50
HG21 DVA A 7 -0.92 2.61 3.43
HG22 DVA A 7 -1.12 3.18 1.77
HG23 DVA A 7 -0.01 4.01 2.86
N DLE A 8 -1.24 -0.30 1.82
CA DLE A 8 -2.54 -0.89 2.02
CB DLE A 8 -2.49 -1.85 3.23
CG DLE A 8 -2.83 -1.09 4.52
CD1 DLE A 8 -1.84 0.08 4.70
CD2 DLE A 8 -4.25 -0.54 4.44
C DLE A 8 -2.96 -1.67 0.78
O DLE A 8 -4.14 -1.73 0.44
H DLE A 8 -0.44 -0.70 2.24
HA DLE A 8 -3.26 -0.12 2.22
HB2 DLE A 8 -3.22 -2.64 3.08
HB3 DLE A 8 -1.51 -2.28 3.31
HG DLE A 8 -2.74 -1.76 5.36
HD11 DLE A 8 -1.87 0.71 3.83
HD12 DLE A 8 -0.84 -0.31 4.82
HD13 DLE A 8 -2.12 0.65 5.56
HD21 DLE A 8 -4.84 -1.16 3.78
HD22 DLE A 8 -4.23 0.47 4.06
HD23 DLE A 8 -4.69 -0.54 5.43
N DGN A 9 -2.04 -2.29 0.08
CA DGN A 9 -2.39 -3.04 -1.11
C DGN A 9 -2.49 -2.10 -2.32
O DGN A 9 -2.91 -2.49 -3.39
CB DGN A 9 -1.34 -4.09 -1.38
CG DGN A 9 -1.55 -5.26 -0.42
CD DGN A 9 -2.12 -6.48 -1.20
OE1 DGN A 9 -2.44 -6.35 -2.37
NE2 DGN A 9 -2.25 -7.66 -0.63
H DGN A 9 -1.09 -2.24 0.36
HA DGN A 9 -3.34 -3.52 -0.96
HB2 DGN A 9 -1.42 -4.43 -2.40
HB3 DGN A 9 -0.36 -3.67 -1.21
HG2 DGN A 9 -0.62 -5.50 0.02
HG3 DGN A 9 -2.25 -4.98 0.36
HE21 DGN A 9 -2.01 -7.80 0.31
HE22 DGN A 9 -2.62 -8.40 -1.15
N DSN A 10 -2.10 -0.85 -2.16
CA DSN A 10 -2.17 0.07 -3.27
C DSN A 10 -3.61 0.57 -3.43
O DSN A 10 -4.12 0.64 -4.54
CB DSN A 10 -1.24 1.25 -3.01
OG DSN A 10 -1.69 2.39 -3.74
H DSN A 10 -1.76 -0.55 -1.29
HA DSN A 10 -1.85 -0.43 -4.17
HB2 DSN A 10 -1.24 1.49 -1.96
HB3 DSN A 10 -0.22 0.99 -3.31
N VAL A 11 -4.24 0.93 -2.35
CA VAL A 11 -5.61 1.43 -2.45
C VAL A 11 -5.58 2.93 -2.78
N LEU A 12 -6.55 3.39 -3.54
CA LEU A 12 -6.63 4.80 -3.92
C LEU A 12 -5.79 5.01 -5.18
N SER A 13 -5.71 3.99 -6.01
CA SER A 13 -4.95 4.09 -7.24
C SER A 13 -3.48 4.40 -6.93
N ILE A 14 -2.94 3.80 -5.90
CA ILE A 14 -1.55 4.05 -5.55
C ILE A 14 -0.98 2.84 -4.84
CA IG8 B . 8.82 0.82 6.59
C IG8 B . 7.68 -0.17 6.63
O IG8 B . 6.53 0.16 6.40
CB IG8 B . 8.29 2.25 6.76
CG2 IG8 B . 9.12 2.99 7.82
OG1 IG8 B . 8.37 2.94 5.52
CD IG8 B . 10.44 3.47 7.20
CE IG8 B . 11.04 4.58 8.07
CZ IG8 B . 11.42 4.01 9.44
CH IG8 B . 10.30 4.25 10.44
CI IG8 B . 8.69 2.96 11.84
CT IG8 B . 10.12 3.02 11.33
HA1 IG8 B . 9.32 0.74 5.63
HA2 IG8 B . 9.52 0.59 7.38
HB IG8 B . 7.26 2.22 7.09
HG21 IG8 B . 9.34 2.32 8.63
HG22 IG8 B . 8.57 3.84 8.19
HG1 IG8 B . 7.48 3.14 5.23
HD1 IG8 B . 10.25 3.86 6.21
HD2 IG8 B . 11.14 2.65 7.14
HE1 IG8 B . 10.30 5.36 8.21
HE2 IG8 B . 11.91 4.99 7.59
HZ1 IG8 B . 12.32 4.50 9.78
HZ2 IG8 B . 11.60 2.95 9.34
HH1 IG8 B . 9.38 4.44 9.91
HH2 IG8 B . 10.54 5.11 11.05
HI2 IG8 B . 8.03 3.47 11.15
HI3 IG8 B . 8.63 3.43 12.82
HI1 IG8 B . 8.38 1.92 11.93
HT1 IG8 B . 10.80 3.09 12.17
HT2 IG8 B . 10.34 2.13 10.75
N LEU A 1 8.32 -1.16 6.82
CA LEU A 1 7.12 -1.91 7.06
C LEU A 1 6.50 -2.31 5.73
N DGL A 2 7.24 -3.01 4.91
CA DGL A 2 6.72 -3.45 3.64
C DGL A 2 6.17 -2.24 2.87
O DGL A 2 5.30 -2.37 2.03
CB DGL A 2 7.81 -4.16 2.84
CG DGL A 2 8.96 -3.19 2.55
CD DGL A 2 10.05 -3.36 3.60
OE1 DGL A 2 10.75 -4.36 3.55
OE2 DGL A 2 10.17 -2.49 4.45
H DGL A 2 8.15 -3.27 5.17
HA DGL A 2 5.92 -4.13 3.84
HB2 DGL A 2 8.18 -5.00 3.41
HB3 DGL A 2 7.38 -4.51 1.91
HG2 DGL A 2 9.37 -3.41 1.57
HG3 DGL A 2 8.60 -2.18 2.56
N DGN A 3 6.66 -1.06 3.15
CA DGN A 3 6.17 0.12 2.46
C DGN A 3 4.68 0.29 2.79
O DGN A 3 3.91 0.78 1.97
CB DGN A 3 6.93 1.36 2.92
CG DGN A 3 8.27 1.43 2.19
CD DGN A 3 9.24 0.38 2.76
OE1 DGN A 3 8.90 -0.32 3.69
NE2 DGN A 3 10.43 0.25 2.24
H DGN A 3 7.36 -0.97 3.83
HA DGN A 3 6.30 0.00 1.40
HB2 DGN A 3 6.35 2.24 2.68
HB3 DGN A 3 7.09 1.33 3.98
HG2 DGN A 3 8.12 1.25 1.13
HG3 DGN A 3 8.69 2.42 2.32
HE21 DGN A 3 10.73 0.81 1.49
HE22 DGN A 3 11.05 -0.43 2.61
N DVA A 4 4.29 -0.10 3.96
CA DVA A 4 2.90 0.03 4.37
CB DVA A 4 2.83 0.02 5.90
CG1 DVA A 4 3.69 1.16 6.46
CG2 DVA A 4 1.38 0.20 6.34
C DVA A 4 2.11 -1.15 3.80
O DVA A 4 0.91 -1.08 3.61
H DVA A 4 4.94 -0.48 4.59
HA DVA A 4 2.50 0.95 4.00
HB DVA A 4 3.20 -0.93 6.27
HG11 DVA A 4 4.54 1.30 5.83
HG12 DVA A 4 4.00 0.90 7.46
HG13 DVA A 4 3.10 2.06 6.48
HG21 DVA A 4 1.14 -0.51 7.12
HG22 DVA A 4 0.72 0.04 5.51
HG23 DVA A 4 1.24 1.20 6.72
N DLE A 5 2.76 -2.26 3.53
CA DLE A 5 2.07 -3.42 3.00
CB DLE A 5 3.07 -4.57 2.83
CG DLE A 5 2.30 -5.90 2.78
CD1 DLE A 5 2.03 -6.27 1.32
CD2 DLE A 5 3.14 -7.00 3.44
C DLE A 5 1.45 -3.08 1.64
O DLE A 5 0.39 -3.56 1.31
H DLE A 5 3.74 -2.30 3.70
HA DLE A 5 1.30 -3.72 3.69
HB2 DLE A 5 3.62 -4.44 1.91
HB3 DLE A 5 3.76 -4.58 3.67
HG DLE A 5 1.37 -5.79 3.31
HD11 DLE A 5 1.06 -5.89 1.03
HD12 DLE A 5 2.03 -7.35 1.22
HD13 DLE A 5 2.78 -5.84 0.69
HD21 DLE A 5 3.29 -6.75 4.48
HD22 DLE A 5 4.10 -7.06 2.94
HD23 DLE A 5 2.62 -7.94 3.35
N DGN A 6 2.09 -2.25 0.87
CA DGN A 6 1.54 -1.89 -0.42
C DGN A 6 0.50 -0.80 -0.22
O DGN A 6 -0.42 -0.66 -0.99
CB DGN A 6 2.66 -1.40 -1.33
CG DGN A 6 3.68 -2.53 -1.48
CD DGN A 6 5.12 -1.97 -1.43
OE1 DGN A 6 5.72 -1.96 -0.38
NE2 DGN A 6 5.72 -1.50 -2.51
H DGN A 6 2.94 -1.86 1.16
HA DGN A 6 1.07 -2.76 -0.86
HB2 DGN A 6 2.25 -1.14 -2.29
HB3 DGN A 6 3.14 -0.55 -0.88
HG2 DGN A 6 3.54 -3.23 -0.66
HG3 DGN A 6 3.50 -3.05 -2.41
HE21 DGN A 6 5.28 -1.48 -3.39
HE22 DGN A 6 6.64 -1.15 -2.44
N DVA A 7 0.64 -0.04 0.84
CA DVA A 7 -0.33 1.00 1.10
CB DVA A 7 0.10 1.80 2.33
CG1 DVA A 7 1.36 2.62 2.00
CG2 DVA A 7 -1.01 2.76 2.76
C DVA A 7 -1.68 0.33 1.34
O DVA A 7 -2.72 0.85 0.99
H DVA A 7 1.38 -0.18 1.45
HA DVA A 7 -0.40 1.65 0.24
HB DVA A 7 0.31 1.12 3.14
HG11 DVA A 7 1.24 3.63 2.38
HG12 DVA A 7 1.50 2.65 0.93
HG13 DVA A 7 2.21 2.16 2.47
HG21 DVA A 7 -1.23 3.45 1.96
HG22 DVA A 7 -0.71 3.30 3.63
HG23 DVA A 7 -1.91 2.18 2.99
N DLE A 8 -1.67 -0.84 1.93
CA DLE A 8 -2.90 -1.56 2.17
CB DLE A 8 -2.65 -2.69 3.17
CG DLE A 8 -2.38 -2.09 4.57
CD1 DLE A 8 -3.67 -2.10 5.38
CD2 DLE A 8 -1.33 -2.94 5.28
C DLE A 8 -3.40 -2.14 0.86
O DLE A 8 -4.57 -2.04 0.53
H DLE A 8 -0.81 -1.24 2.19
HA DLE A 8 -3.63 -0.87 2.58
HB2 DLE A 8 -3.53 -3.33 3.22
HB3 DLE A 8 -1.79 -3.27 2.87
HG DLE A 8 -2.03 -1.08 4.46
HD11 DLE A 8 -4.18 -1.15 5.26
HD12 DLE A 8 -3.45 -2.25 6.42
HD13 DLE A 8 -4.32 -2.88 5.03
HD21 DLE A 8 -1.41 -2.79 6.35
HD22 DLE A 8 -0.35 -2.63 4.96
HD23 DLE A 8 -1.48 -3.97 5.05
N DGN A 9 -2.53 -2.73 0.08
CA DGN A 9 -2.96 -3.30 -1.19
C DGN A 9 -2.72 -2.29 -2.32
O DGN A 9 -2.57 -2.66 -3.47
CB DGN A 9 -2.17 -4.57 -1.46
CG DGN A 9 -2.81 -5.74 -0.72
CD DGN A 9 -2.40 -5.71 0.76
OE1 DGN A 9 -1.59 -4.90 1.14
NE2 DGN A 9 -2.93 -6.54 1.64
H DGN A 9 -1.59 -2.81 0.35
HA DGN A 9 -4.00 -3.54 -1.14
HB2 DGN A 9 -2.15 -4.78 -2.53
HB3 DGN A 9 -1.15 -4.45 -1.11
HG2 DGN A 9 -3.89 -5.65 -0.81
HG3 DGN A 9 -2.48 -6.68 -1.18
HE21 DGN A 9 -3.60 -7.21 1.38
HE22 DGN A 9 -2.64 -6.50 2.58
N DSN A 10 -2.70 -1.02 -2.01
CA DSN A 10 -2.49 -0.02 -3.04
C DSN A 10 -3.84 0.47 -3.56
O DSN A 10 -4.11 0.40 -4.74
CB DSN A 10 -1.68 1.15 -2.47
OG DSN A 10 -2.06 2.37 -3.11
H DSN A 10 -2.83 -0.74 -1.08
HA DSN A 10 -1.93 -0.47 -3.86
HB2 DSN A 10 -1.86 1.24 -1.41
HB3 DSN A 10 -0.62 0.96 -2.63
N VAL A 11 -4.70 0.94 -2.69
CA VAL A 11 -6.01 1.40 -3.13
C VAL A 11 -5.96 2.89 -3.47
N LEU A 12 -6.71 3.29 -4.47
CA LEU A 12 -6.73 4.69 -4.90
C LEU A 12 -5.45 4.97 -5.67
N SER A 13 -4.91 3.96 -6.29
CA SER A 13 -3.70 4.11 -7.06
C SER A 13 -2.54 4.51 -6.12
N ILE A 14 -2.70 4.32 -4.84
CA ILE A 14 -1.63 4.67 -3.92
C ILE A 14 -1.15 3.40 -3.20
CA IG8 B . 9.61 0.73 6.11
C IG8 B . 8.27 0.05 6.33
O IG8 B . 7.22 0.59 6.06
CB IG8 B . 9.41 2.25 6.06
CG2 IG8 B . 9.62 2.85 7.44
OG1 IG8 B . 10.36 2.81 5.15
CD IG8 B . 8.35 2.68 8.28
CE IG8 B . 8.63 3.02 9.74
CZ IG8 B . 8.77 1.72 10.54
CH IG8 B . 7.41 1.36 11.17
CI IG8 B . 7.65 -0.78 12.42
CT IG8 B . 7.64 0.74 12.55
HA1 IG8 B . 10.05 0.38 5.19
HA2 IG8 B . 10.26 0.47 6.94
HB IG8 B . 8.42 2.47 5.72
HG21 IG8 B . 9.85 3.90 7.35
HG22 IG8 B . 10.44 2.34 7.94
HG1 IG8 B . 11.24 2.51 5.41
HD1 IG8 B . 7.99 1.66 8.20
HD2 IG8 B . 7.58 3.36 7.90
HE1 IG8 B . 7.82 3.61 10.15
HE2 IG8 B . 9.55 3.58 9.81
HZ1 IG8 B . 9.50 1.85 11.33
HZ2 IG8 B . 9.08 0.92 9.89
HH1 IG8 B . 6.90 0.67 10.53
HH2 IG8 B . 6.82 2.27 11.28
HI2 IG8 B . 8.29 -1.20 13.18
HI3 IG8 B . 8.03 -1.06 11.44
HI1 IG8 B . 6.66 -1.17 12.55
HT1 IG8 B . 6.85 1.03 13.22
HT2 IG8 B . 8.58 1.08 12.95
N LEU A 1 8.02 -1.22 6.76
CA LEU A 1 7.02 -2.24 6.93
C LEU A 1 6.42 -2.58 5.57
N DGL A 2 7.25 -2.91 4.62
CA DGL A 2 6.76 -3.25 3.31
C DGL A 2 5.97 -2.08 2.73
O DGL A 2 5.16 -2.25 1.85
CB DGL A 2 7.93 -3.62 2.39
CG DGL A 2 8.85 -2.40 2.19
CD DGL A 2 10.02 -2.47 3.17
OE1 DGL A 2 10.21 -1.52 3.91
OE2 DGL A 2 10.70 -3.48 3.18
H DGL A 2 8.21 -2.95 4.80
HA DGL A 2 6.12 -4.10 3.42
HB2 DGL A 2 8.49 -4.43 2.84
HB3 DGL A 2 7.54 -3.94 1.44
HG2 DGL A 2 9.22 -2.40 1.17
HG3 DGL A 2 8.29 -1.49 2.36
N DGN A 3 6.20 -0.88 3.21
CA DGN A 3 5.48 0.27 2.70
C DGN A 3 4.02 0.19 3.16
O DGN A 3 3.12 0.67 2.49
CB DGN A 3 6.12 1.57 3.21
CG DGN A 3 7.56 1.65 2.70
CD DGN A 3 7.98 3.12 2.49
OE1 DGN A 3 8.80 3.63 3.23
NE2 DGN A 3 7.47 3.84 1.52
H DGN A 3 6.86 -0.76 3.93
HA DGN A 3 5.52 0.25 1.62
HB2 DGN A 3 5.54 2.40 2.86
HB3 DGN A 3 6.12 1.56 4.29
HG2 DGN A 3 8.21 1.20 3.42
HG3 DGN A 3 7.65 1.11 1.77
HE21 DGN A 3 6.80 3.46 0.91
HE22 DGN A 3 7.77 4.77 1.38
N DVA A 4 3.79 -0.40 4.31
CA DVA A 4 2.44 -0.52 4.81
CB DVA A 4 2.48 -0.85 6.31
CG1 DVA A 4 3.22 0.26 7.05
CG2 DVA A 4 1.05 -0.97 6.86
C DVA A 4 1.71 -1.63 4.06
O DVA A 4 0.50 -1.61 3.90
H DVA A 4 4.53 -0.77 4.82
HA DVA A 4 1.91 0.42 4.67
HB DVA A 4 3.00 -1.78 6.45
HG11 DVA A 4 4.24 0.34 6.69
HG12 DVA A 4 3.24 0.04 8.11
HG13 DVA A 4 2.71 1.21 6.89
HG21 DVA A 4 0.36 -0.98 6.03
HG22 DVA A 4 0.85 -0.12 7.50
HG23 DVA A 4 0.96 -1.88 7.42
N DLE A 5 2.43 -2.61 3.58
CA DLE A 5 1.80 -3.70 2.86
CB DLE A 5 2.77 -4.90 2.81
CG DLE A 5 2.26 -6.02 3.72
CD1 DLE A 5 2.17 -5.50 5.17
CD2 DLE A 5 0.87 -6.48 3.26
C DLE A 5 1.46 -3.26 1.44
O DLE A 5 0.52 -3.73 0.84
H DLE A 5 3.40 -2.61 3.73
HA DLE A 5 0.89 -4.00 3.37
HB2 DLE A 5 2.82 -5.27 1.80
HB3 DLE A 5 3.75 -4.59 3.14
HG DLE A 5 2.95 -6.85 3.69
HD11 DLE A 5 2.38 -6.31 5.85
HD12 DLE A 5 1.17 -5.12 5.35
HD13 DLE A 5 2.89 -4.71 5.31
HD21 DLE A 5 0.11 -5.94 3.81
HD22 DLE A 5 0.76 -7.54 3.45
HD23 DLE A 5 0.76 -6.28 2.21
N DGN A 6 2.23 -2.33 0.89
CA DGN A 6 1.96 -1.88 -0.46
C DGN A 6 1.02 -0.68 -0.39
O DGN A 6 0.17 -0.50 -1.24
CB DGN A 6 3.28 -1.48 -1.11
CG DGN A 6 4.20 -2.69 -1.09
CD DGN A 6 5.65 -2.23 -0.85
OE1 DGN A 6 5.91 -1.05 -0.69
NE2 DGN A 6 6.63 -3.11 -0.82
H DGN A 6 2.98 -1.97 1.39
HA DGN A 6 1.51 -2.67 -1.03
HB2 DGN A 6 3.09 -1.18 -2.14
HB3 DGN A 6 3.73 -0.66 -0.57
HG2 DGN A 6 3.89 -3.36 -0.28
HG3 DGN A 6 4.13 -3.20 -2.03
HE21 DGN A 6 6.46 -4.06 -0.94
HE22 DGN A 6 7.56 -2.80 -0.67
N DVA A 7 1.17 0.14 0.62
CA DVA A 7 0.30 1.28 0.74
CB DVA A 7 0.75 2.15 1.93
CG1 DVA A 7 1.99 2.94 1.52
CG2 DVA A 7 -0.36 3.12 2.33
C DVA A 7 -1.13 0.76 0.98
O DVA A 7 -2.09 1.28 0.46
H DVA A 7 1.85 -0.04 1.30
HA DVA A 7 0.33 1.86 -0.16
HB DVA A 7 1.00 1.51 2.76
HG11 DVA A 7 2.64 3.06 2.38
HG12 DVA A 7 1.69 3.91 1.15
HG13 DVA A 7 2.52 2.40 0.74
HG21 DVA A 7 -0.85 2.75 3.22
HG22 DVA A 7 -1.07 3.21 1.53
HG23 DVA A 7 0.07 4.09 2.55
N DLE A 8 -1.26 -0.28 1.76
CA DLE A 8 -2.56 -0.85 2.03
CB DLE A 8 -2.48 -1.76 3.25
CG DLE A 8 -3.83 -1.78 3.97
CD1 DLE A 8 -4.91 -2.34 3.04
CD2 DLE A 8 -3.72 -2.67 5.21
C DLE A 8 -3.02 -1.66 0.81
O DLE A 8 -4.20 -1.67 0.48
H DLE A 8 -0.46 -0.69 2.17
HA DLE A 8 -3.26 -0.06 2.22
HB2 DLE A 8 -2.23 -2.77 2.93
HB3 DLE A 8 -1.72 -1.41 3.92
HG DLE A 8 -4.09 -0.78 4.27
HD11 DLE A 8 -5.30 -1.53 2.43
HD12 DLE A 8 -5.70 -2.76 3.63
HD13 DLE A 8 -4.48 -3.10 2.40
HD21 DLE A 8 -3.24 -2.13 6.01
HD22 DLE A 8 -3.16 -3.56 4.97
HD23 DLE A 8 -4.72 -2.96 5.53
N DGN A 9 -2.13 -2.33 0.13
CA DGN A 9 -2.53 -3.11 -1.03
C DGN A 9 -2.60 -2.21 -2.28
O DGN A 9 -3.06 -2.63 -3.31
CB DGN A 9 -1.51 -4.21 -1.26
CG DGN A 9 -1.78 -5.35 -0.27
CD DGN A 9 -2.39 -6.56 -1.02
OE1 DGN A 9 -2.71 -6.45 -2.19
NE2 DGN A 9 -2.58 -7.71 -0.42
H DGN A 9 -1.18 -2.32 0.39
HA DGN A 9 -3.49 -3.55 -0.85
HB2 DGN A 9 -1.61 -4.58 -2.28
HB3 DGN A 9 -0.51 -3.83 -1.11
HG2 DGN A 9 -0.85 -5.63 0.17
HG3 DGN A 9 -2.45 -5.01 0.49
HE21 DGN A 9 -2.33 -7.85 0.53
HE22 DGN A 9 -2.98 -8.46 -0.92
N DSN A 10 -2.14 -0.99 -2.17
CA DSN A 10 -2.18 -0.11 -3.32
C DSN A 10 -3.61 0.42 -3.51
O DSN A 10 -4.10 0.48 -4.62
CB DSN A 10 -1.23 1.06 -3.10
OG DSN A 10 -1.55 2.11 -4.01
H DSN A 10 -1.77 -0.67 -1.33
HA DSN A 10 -1.87 -0.65 -4.19
HB2 DSN A 10 -1.32 1.43 -2.10
HB3 DSN A 10 -0.21 0.73 -3.27
N VAL A 11 -4.26 0.78 -2.46
CA VAL A 11 -5.62 1.30 -2.58
C VAL A 11 -5.58 2.79 -2.91
N LEU A 12 -6.53 3.26 -3.68
CA LEU A 12 -6.58 4.67 -4.06
C LEU A 12 -5.58 4.89 -5.21
N SER A 13 -5.39 3.88 -6.00
CA SER A 13 -4.48 3.97 -7.12
C SER A 13 -3.07 4.36 -6.62
N ILE A 14 -2.78 4.09 -5.37
CA ILE A 14 -1.48 4.44 -4.84
C ILE A 14 -1.06 3.38 -3.81
CA IG8 B . 8.84 0.96 6.22
C IG8 B . 7.69 -0.02 6.37
O IG8 B . 6.54 0.29 6.13
CB IG8 B . 8.31 2.39 6.31
CG2 IG8 B . 8.17 2.82 7.78
OG1 IG8 B . 9.22 3.27 5.65
CD IG8 B . 6.80 2.37 8.32
CE IG8 B . 6.73 2.70 9.82
CZ IG8 B . 5.26 2.93 10.22
CH IG8 B . 4.71 1.66 10.87
CI IG8 B . 4.94 0.51 13.09
CT IG8 B . 4.66 1.85 12.39
HA1 IG8 B . 9.32 0.80 5.27
HA2 IG8 B . 9.55 0.78 7.01
HB IG8 B . 7.34 2.46 5.83
HG21 IG8 B . 8.26 3.88 7.86
HG22 IG8 B . 8.95 2.34 8.36
HG1 IG8 B . 9.38 2.92 4.77
HD1 IG8 B . 6.68 1.32 8.18
HD2 IG8 B . 6.02 2.91 7.79
HE1 IG8 B . 7.30 3.59 10.02
HE2 IG8 B . 7.13 1.88 10.38
HZ1 IG8 B . 4.68 3.16 9.33
HZ2 IG8 B . 5.21 3.75 10.91
HH1 IG8 B . 5.34 0.82 10.63
HH2 IG8 B . 3.71 1.47 10.50
HI2 IG8 B . 4.12 -0.16 12.91
HI3 IG8 B . 5.06 0.68 14.14
HI1 IG8 B . 5.86 0.09 12.68
HT1 IG8 B . 3.69 2.21 12.68
HT2 IG8 B . 5.41 2.57 12.68
N LEU A 1 8.32 -0.98 6.75
CA LEU A 1 7.22 -1.85 7.03
C LEU A 1 6.61 -2.32 5.73
N DGL A 2 7.41 -2.90 4.87
CA DGL A 2 6.89 -3.38 3.62
C DGL A 2 6.20 -2.23 2.86
O DGL A 2 5.33 -2.46 2.04
CB DGL A 2 8.03 -3.97 2.77
CG DGL A 2 9.06 -2.89 2.45
CD DGL A 2 10.20 -2.94 3.46
OE1 DGL A 2 11.13 -3.71 3.24
OE2 DGL A 2 10.13 -2.22 4.44
H DGL A 2 8.34 -3.03 5.07
HA DGL A 2 6.17 -4.14 3.83
HB2 DGL A 2 8.50 -4.77 3.33
HB3 DGL A 2 7.62 -4.37 1.86
HG2 DGL A 2 9.46 -3.06 1.45
HG3 DGL A 2 8.59 -1.91 2.47
N DGN A 3 6.59 -1.00 3.13
CA DGN A 3 5.97 0.12 2.46
C DGN A 3 4.49 0.20 2.85
O DGN A 3 3.65 0.64 2.10
CB DGN A 3 6.67 1.40 2.84
CG DGN A 3 8.10 1.37 2.30
CD DGN A 3 8.43 2.72 1.66
OE1 DGN A 3 7.61 3.62 1.64
NE2 DGN A 3 9.61 2.91 1.14
H DGN A 3 7.29 -0.85 3.79
HA DGN A 3 6.05 -0.02 1.39
HB2 DGN A 3 6.14 2.25 2.41
HB3 DGN A 3 6.70 1.51 3.90
HG2 DGN A 3 8.78 1.16 3.10
HG3 DGN A 3 8.18 0.59 1.55
HE21 DGN A 3 10.28 2.20 1.13
HE22 DGN A 3 9.80 3.78 0.73
N DVA A 4 4.18 -0.22 4.06
CA DVA A 4 2.81 -0.18 4.51
CB DVA A 4 2.78 -0.31 6.05
CG1 DVA A 4 3.57 0.86 6.65
CG2 DVA A 4 1.35 -0.27 6.55
C DVA A 4 2.04 -1.36 3.90
O DVA A 4 0.83 -1.29 3.71
H DVA A 4 4.88 -0.58 4.64
HA DVA A 4 2.35 0.75 4.21
HB DVA A 4 3.25 -1.23 6.34
HG11 DVA A 4 4.59 0.84 6.29
HG12 DVA A 4 3.56 0.78 7.72
HG13 DVA A 4 3.11 1.79 6.36
HG21 DVA A 4 1.17 0.67 7.07
HG22 DVA A 4 1.18 -1.09 7.23
HG23 DVA A 4 0.66 -0.34 5.71
N DLE A 5 2.71 -2.44 3.59
CA DLE A 5 2.04 -3.58 3.00
CB DLE A 5 3.05 -4.72 2.82
CG DLE A 5 2.36 -6.07 3.01
CD1 DLE A 5 1.94 -6.62 1.65
CD2 DLE A 5 3.32 -7.04 3.69
C DLE A 5 1.43 -3.21 1.65
O DLE A 5 0.40 -3.71 1.27
H DLE A 5 3.68 -2.46 3.76
HA DLE A 5 1.26 -3.92 3.67
HB2 DLE A 5 3.47 -4.67 1.82
HB3 DLE A 5 3.85 -4.62 3.53
HG DLE A 5 1.48 -5.93 3.63
HD11 DLE A 5 1.65 -7.66 1.76
HD12 DLE A 5 2.76 -6.55 0.96
HD13 DLE A 5 1.10 -6.06 1.27
HD21 DLE A 5 2.83 -8.00 3.82
HD22 DLE A 5 3.61 -6.65 4.65
HD23 DLE A 5 4.20 -7.18 3.07
N DGN A 6 2.06 -2.33 0.92
CA DGN A 6 1.53 -1.94 -0.36
C DGN A 6 0.51 -0.83 -0.16
O DGN A 6 -0.40 -0.67 -0.94
CB DGN A 6 2.66 -1.44 -1.25
CG DGN A 6 3.70 -2.56 -1.40
CD DGN A 6 5.13 -1.98 -1.37
OE1 DGN A 6 5.74 -1.94 -0.32
NE2 DGN A 6 5.72 -1.50 -2.46
H DGN A 6 2.90 -1.93 1.24
HA DGN A 6 1.06 -2.78 -0.83
HB2 DGN A 6 2.27 -1.18 -2.23
HB3 DGN A 6 3.12 -0.58 -0.80
HG2 DGN A 6 3.58 -3.24 -0.56
HG3 DGN A 6 3.52 -3.09 -2.32
HE21 DGN A 6 5.27 -1.50 -3.34
HE22 DGN A 6 6.63 -1.14 -2.39
N DVA A 7 0.63 -0.10 0.91
CA DVA A 7 -0.33 0.96 1.18
CB DVA A 7 0.06 1.71 2.45
CG1 DVA A 7 1.35 2.51 2.21
CG2 DVA A 7 -1.06 2.66 2.88
C DVA A 7 -1.70 0.30 1.34
O DVA A 7 -2.71 0.81 0.89
H DVA A 7 1.36 -0.26 1.54
HA DVA A 7 -0.35 1.64 0.34
HB DVA A 7 0.24 0.99 3.25
HG11 DVA A 7 1.62 2.46 1.16
HG12 DVA A 7 2.14 2.12 2.82
HG13 DVA A 7 1.17 3.55 2.48
HG21 DVA A 7 -0.77 3.18 3.78
HG22 DVA A 7 -1.96 2.09 3.07
HG23 DVA A 7 -1.24 3.37 2.08
N DLE A 8 -1.73 -0.83 1.99
CA DLE A 8 -2.99 -1.54 2.18
CB DLE A 8 -2.82 -2.63 3.24
CG DLE A 8 -2.85 -1.99 4.63
CD1 DLE A 8 -4.28 -2.01 5.17
CD2 DLE A 8 -1.94 -2.78 5.58
C DLE A 8 -3.41 -2.18 0.85
O DLE A 8 -4.58 -2.20 0.52
H DLE A 8 -0.90 -1.22 2.34
HA DLE A 8 -3.74 -0.83 2.50
HB2 DLE A 8 -3.62 -3.34 3.15
HB3 DLE A 8 -1.88 -3.13 3.10
HG DLE A 8 -2.50 -0.97 4.58
HD11 DLE A 8 -4.40 -1.23 5.91
HD12 DLE A 8 -4.48 -2.97 5.62
HD13 DLE A 8 -4.97 -1.85 4.35
HD21 DLE A 8 -1.91 -3.81 5.25
HD22 DLE A 8 -2.34 -2.74 6.58
HD23 DLE A 8 -0.95 -2.36 5.56
N DGN A 9 -2.47 -2.70 0.09
CA DGN A 9 -2.84 -3.30 -1.19
C DGN A 9 -2.62 -2.30 -2.32
O DGN A 9 -2.42 -2.67 -3.45
CB DGN A 9 -1.96 -4.54 -1.43
CG DGN A 9 -2.50 -5.74 -0.63
CD DGN A 9 -1.57 -6.04 0.56
OE1 DGN A 9 -0.80 -6.98 0.52
NE2 DGN A 9 -1.59 -5.30 1.66
H DGN A 9 -1.53 -2.67 0.37
HA DGN A 9 -3.87 -3.60 -1.16
HB2 DGN A 9 -1.97 -4.78 -2.48
HB3 DGN A 9 -0.94 -4.33 -1.12
HG2 DGN A 9 -3.51 -5.54 -0.30
HG3 DGN A 9 -2.52 -6.60 -1.28
HE21 DGN A 9 -2.19 -4.53 1.75
HE22 DGN A 9 -0.99 -5.52 2.40
N DSN A 10 -2.67 -1.02 -2.02
CA DSN A 10 -2.48 -0.02 -3.06
C DSN A 10 -3.84 0.51 -3.53
O DSN A 10 -4.16 0.45 -4.70
CB DSN A 10 -1.62 1.12 -2.52
OG DSN A 10 -1.97 2.34 -3.16
H DSN A 10 -2.84 -0.74 -1.10
HA DSN A 10 -1.97 -0.48 -3.89
HB2 DSN A 10 -1.76 1.23 -1.46
HB3 DSN A 10 -0.57 0.90 -2.71
N VAL A 11 -4.65 1.02 -2.63
CA VAL A 11 -5.95 1.52 -3.03
C VAL A 11 -5.85 3.01 -3.37
N LEU A 12 -6.65 3.47 -4.31
CA LEU A 12 -6.62 4.87 -4.71
C LEU A 12 -5.40 5.08 -5.60
N SER A 13 -4.98 4.04 -6.27
CA SER A 13 -3.83 4.13 -7.14
C SER A 13 -2.58 4.46 -6.32
N ILE A 14 -2.61 4.23 -5.03
CA ILE A 14 -1.45 4.52 -4.21
C ILE A 14 -0.98 3.24 -3.52
CA IG8 B . 9.37 1.02 5.94
C IG8 B . 8.12 0.19 6.20
O IG8 B . 7.01 0.58 5.91
CB IG8 B . 8.99 2.50 5.81
CG2 IG8 B . 8.37 2.99 7.12
OG1 IG8 B . 10.16 3.26 5.52
CD IG8 B . 9.45 3.12 8.19
CE IG8 B . 9.54 1.83 9.00
CZ IG8 B . 8.83 2.02 10.35
CH IG8 B . 9.85 2.28 11.44
CI IG8 B . 10.94 0.05 11.13
CT IG8 B . 10.22 0.96 12.13
HA1 IG8 B . 9.82 0.67 5.02
HA2 IG8 B . 10.06 0.88 6.76
HB IG8 B . 8.28 2.62 5.01
HG21 IG8 B . 7.63 2.29 7.46
HG22 IG8 B . 7.90 3.95 6.96
HG1 IG8 B . 10.10 3.55 4.60
HD1 IG8 B . 9.22 3.95 8.85
HD2 IG8 B . 10.41 3.32 7.72
HE1 IG8 B . 10.57 1.58 9.18
HE2 IG8 B . 9.07 1.02 8.45
HZ1 IG8 B . 8.27 1.13 10.58
HZ2 IG8 B . 8.15 2.86 10.28
HH1 IG8 B . 9.44 2.96 12.18
HH2 IG8 B . 10.74 2.72 11.01
HI2 IG8 B . 11.42 -0.75 11.66
HI3 IG8 B . 11.69 0.63 10.59
HI1 IG8 B . 10.23 -0.35 10.43
HT1 IG8 B . 9.32 0.47 12.46
HT2 IG8 B . 10.86 1.15 12.97
N LEU A 1 8.05 -1.06 6.98
CA LEU A 1 6.97 -1.99 7.16
C LEU A 1 6.51 -2.48 5.79
N DGL A 2 7.43 -2.94 4.99
CA DGL A 2 7.06 -3.43 3.69
C DGL A 2 6.45 -2.29 2.85
O DGL A 2 5.80 -2.54 1.84
CB DGL A 2 8.29 -4.01 2.98
CG DGL A 2 9.31 -2.90 2.71
CD DGL A 2 10.36 -2.89 3.83
OE1 DGL A 2 10.73 -1.80 4.24
OE2 DGL A 2 10.75 -3.95 4.26
H DGL A 2 8.36 -2.98 5.27
HA DGL A 2 6.33 -4.19 3.83
HB2 DGL A 2 8.73 -4.77 3.61
HB3 DGL A 2 7.98 -4.45 2.04
HG2 DGL A 2 9.81 -3.10 1.77
HG3 DGL A 2 8.82 -1.95 2.66
N DGN A 3 6.64 -1.06 3.25
CA DGN A 3 6.08 0.04 2.48
C DGN A 3 4.60 0.21 2.85
O DGN A 3 3.81 0.64 2.04
CB DGN A 3 6.83 1.33 2.79
CG DGN A 3 8.32 1.15 2.45
CD DGN A 3 8.99 2.52 2.16
OE1 DGN A 3 9.81 2.97 2.93
NE2 DGN A 3 8.67 3.21 1.08
H DGN A 3 7.15 -0.88 4.06
HA DGN A 3 6.18 -0.17 1.43
HB2 DGN A 3 6.41 2.14 2.21
HB3 DGN A 3 6.73 1.57 3.85
HG2 DGN A 3 8.83 0.70 3.29
HG3 DGN A 3 8.42 0.50 1.59
HE21 DGN A 3 8.00 2.86 0.45
HE22 DGN A 3 9.12 4.05 0.90
N DVA A 4 4.24 -0.14 4.06
CA DVA A 4 2.86 -0.01 4.47
CB DVA A 4 2.79 -0.04 6.00
CG1 DVA A 4 3.63 1.10 6.57
CG2 DVA A 4 1.33 0.13 6.45
C DVA A 4 2.04 -1.16 3.89
O DVA A 4 0.84 -1.05 3.68
H DVA A 4 4.91 -0.49 4.68
HA DVA A 4 2.46 0.93 4.11
HB DVA A 4 3.16 -0.99 6.35
HG11 DVA A 4 3.04 1.99 6.65
HG12 DVA A 4 4.48 1.28 5.91
HG13 DVA A 4 3.99 0.81 7.55
HG21 DVA A 4 0.87 -0.84 6.58
HG22 DVA A 4 0.79 0.69 5.71
HG23 DVA A 4 1.31 0.67 7.38
N DLE A 5 2.67 -2.28 3.63
CA DLE A 5 1.95 -3.42 3.10
CB DLE A 5 2.90 -4.62 3.00
CG DLE A 5 2.10 -5.92 3.14
CD1 DLE A 5 2.87 -7.08 2.51
CD2 DLE A 5 1.86 -6.21 4.62
C DLE A 5 1.41 -3.08 1.70
O DLE A 5 0.33 -3.50 1.33
H DLE A 5 3.63 -2.36 3.81
HA DLE A 5 1.12 -3.67 3.74
HB2 DLE A 5 3.39 -4.61 2.03
HB3 DLE A 5 3.63 -4.57 3.78
HG DLE A 5 1.14 -5.81 2.64
HD11 DLE A 5 2.61 -7.16 1.47
HD12 DLE A 5 2.63 -7.99 3.02
HD13 DLE A 5 3.94 -6.88 2.60
HD21 DLE A 5 1.40 -5.36 5.09
HD22 DLE A 5 2.81 -6.41 5.11
HD23 DLE A 5 1.22 -7.07 4.72
N DGN A 6 2.15 -2.33 0.93
CA DGN A 6 1.68 -1.99 -0.39
C DGN A 6 0.68 -0.83 -0.27
O DGN A 6 -0.17 -0.65 -1.11
CB DGN A 6 2.87 -1.57 -1.26
CG DGN A 6 3.85 -2.74 -1.29
CD DGN A 6 5.28 -2.24 -0.99
OE1 DGN A 6 5.47 -1.07 -0.75
NE2 DGN A 6 6.29 -3.07 -1.01
H DGN A 6 3.00 -2.00 1.24
HA DGN A 6 1.19 -2.83 -0.84
HB2 DGN A 6 2.53 -1.34 -2.25
HB3 DGN A 6 3.34 -0.71 -0.82
HG2 DGN A 6 3.55 -3.48 -0.56
HG3 DGN A 6 3.82 -3.19 -2.28
HE21 DGN A 6 6.15 -4.02 -1.20
HE22 DGN A 6 7.20 -2.74 -0.81
N DVA A 7 0.78 -0.07 0.79
CA DVA A 7 -0.14 1.02 0.98
CB DVA A 7 0.26 1.83 2.22
CG1 DVA A 7 1.58 2.56 1.95
CG2 DVA A 7 -0.83 2.86 2.54
C DVA A 7 -1.54 0.42 1.16
O DVA A 7 -2.54 1.01 0.79
H DVA A 7 1.47 -0.25 1.46
HA DVA A 7 -0.12 1.66 0.11
HB DVA A 7 0.38 1.16 3.05
HG11 DVA A 7 1.89 2.38 0.94
HG12 DVA A 7 2.34 2.20 2.64
HG13 DVA A 7 1.43 3.63 2.10
HG21 DVA A 7 -1.76 2.34 2.74
HG22 DVA A 7 -0.95 3.53 1.70
HG23 DVA A 7 -0.54 3.42 3.42
N DLE A 8 -1.61 -0.75 1.73
CA DLE A 8 -2.89 -1.40 1.93
CB DLE A 8 -2.75 -2.50 2.99
CG DLE A 8 -2.49 -1.87 4.36
CD1 DLE A 8 -3.80 -1.76 5.14
CD2 DLE A 8 -1.50 -2.74 5.14
C DLE A 8 -3.37 -2.01 0.61
O DLE A 8 -4.51 -1.86 0.23
H DLE A 8 -0.79 -1.21 2.01
HA DLE A 8 -3.61 -0.67 2.27
HB2 DLE A 8 -3.67 -3.08 3.03
HB3 DLE A 8 -1.93 -3.15 2.72
HG DLE A 8 -2.07 -0.88 4.22
HD11 DLE A 8 -4.25 -0.80 4.96
HD12 DLE A 8 -3.60 -1.88 6.19
HD13 DLE A 8 -4.48 -2.55 4.81
HD21 DLE A 8 -2.05 -3.43 5.76
HD22 DLE A 8 -0.88 -2.12 5.75
HD23 DLE A 8 -0.88 -3.29 4.44
N DGN A 9 -2.51 -2.71 -0.09
CA DGN A 9 -2.91 -3.30 -1.34
C DGN A 9 -2.79 -2.26 -2.48
O DGN A 9 -2.98 -2.58 -3.63
CB DGN A 9 -2.02 -4.51 -1.65
CG DGN A 9 -2.61 -5.77 -1.02
CD DGN A 9 -2.24 -5.83 0.47
OE1 DGN A 9 -1.47 -5.00 0.93
NE2 DGN A 9 -2.72 -6.76 1.27
H DGN A 9 -1.58 -2.83 0.23
HA DGN A 9 -3.94 -3.63 -1.28
HB2 DGN A 9 -1.95 -4.63 -2.72
HB3 DGN A 9 -1.03 -4.33 -1.25
HG2 DGN A 9 -3.69 -5.72 -1.13
HG3 DGN A 9 -2.23 -6.63 -1.54
HE21 DGN A 9 -3.34 -7.45 0.94
HE22 DGN A 9 -2.45 -6.77 2.21
N DSN A 10 -2.48 -1.04 -2.16
CA DSN A 10 -2.35 -0.02 -3.19
C DSN A 10 -3.74 0.55 -3.52
O DSN A 10 -4.11 0.66 -4.66
CB DSN A 10 -1.43 1.09 -2.70
OG DSN A 10 -1.81 2.32 -3.30
H DSN A 10 -2.33 -0.80 -1.22
HA DSN A 10 -1.93 -0.47 -4.07
HB2 DSN A 10 -1.51 1.19 -1.62
HB3 DSN A 10 -0.41 0.86 -2.95
N VAL A 11 -4.50 0.91 -2.52
CA VAL A 11 -5.81 1.46 -2.76
C VAL A 11 -5.70 2.96 -3.04
N LEU A 12 -6.61 3.49 -3.81
CA LEU A 12 -6.59 4.91 -4.16
C LEU A 12 -5.55 5.12 -5.26
N SER A 13 -5.31 4.08 -6.02
CA SER A 13 -4.35 4.17 -7.10
C SER A 13 -2.95 4.43 -6.54
N ILE A 14 -2.72 4.11 -5.29
CA ILE A 14 -1.41 4.32 -4.71
C ILE A 14 -0.91 3.01 -4.10
CA IG8 B . 9.10 0.94 6.20
C IG8 B . 7.88 0.06 6.34
O IG8 B . 6.80 0.37 5.88
CB IG8 B . 8.67 2.41 6.03
CG2 IG8 B . 7.95 2.88 7.29
OG1 IG8 B . 9.82 3.22 5.79
CD IG8 B . 8.91 3.64 8.22
CE IG8 B . 8.46 3.49 9.67
CZ IG8 B . 9.18 2.30 10.31
CH IG8 B . 8.66 2.11 11.74
CI IG8 B . 7.42 -0.06 11.84
CT IG8 B . 8.76 0.62 12.12
HA1 IG8 B . 9.66 0.63 5.34
HA2 IG8 B . 9.71 0.84 7.08
HB IG8 B . 8.00 2.48 5.19
HG21 IG8 B . 7.55 2.02 7.82
HG22 IG8 B . 7.13 3.53 7.02
HG1 IG8 B . 10.55 2.86 6.31
HD1 IG8 B . 8.92 4.68 7.95
HD2 IG8 B . 9.90 3.23 8.11
HE1 IG8 B . 7.39 3.32 9.70
HE2 IG8 B . 8.70 4.39 10.21
HZ1 IG8 B . 10.23 2.49 10.33
HZ2 IG8 B . 8.98 1.40 9.73
HH1 IG8 B . 7.64 2.43 11.81
HH2 IG8 B . 9.27 2.68 12.42
HI2 IG8 B . 7.60 -1.07 11.52
HI3 IG8 B . 6.89 0.48 11.06
HI1 IG8 B . 6.82 -0.06 12.74
HT1 IG8 B . 8.99 0.53 13.17
HT2 IG8 B . 9.54 0.15 11.54
#